data_9CKJ
#
_entry.id   9CKJ
#
_cell.length_a   41.884
_cell.length_b   76.025
_cell.length_c   258.641
_cell.angle_alpha   90.00
_cell.angle_beta   90.00
_cell.angle_gamma   90.00
#
_symmetry.space_group_name_H-M   'P 21 21 21'
#
loop_
_entity.id
_entity.type
_entity.pdbx_description
1 polymer 'TP53-binding protein 1'
2 non-polymer (3S)-1-[4-(4-methylpiperazin-1-yl)pyridine-2-carbonyl]-N-[(3M)-3-(3-oxo-2,3-dihydro-1H-isoindol-5-yl)phenyl]piperidine-3-carboxamide
3 non-polymer 'UNKNOWN ATOM OR ION'
4 water water
#
_entity_poly.entity_id   1
_entity_poly.type   'polypeptide(L)'
_entity_poly.pdbx_seq_one_letter_code
;GNSFVGLRVVAKWSSNGYFYSGKITRDVGAGKYKLLFDDGYECDVLGKDILLCDPIPLDTEVTALSEDEYFSAGVVKGHR
KESGELYYSIEKEGQRKWYKRMAVILSLEQGNRLREQYGLGPYE
;
_entity_poly.pdbx_strand_id   A,B,C,D,E,F
#
loop_
_chem_comp.id
_chem_comp.type
_chem_comp.name
_chem_comp.formula
A1AY8 non-polymer (3S)-1-[4-(4-methylpiperazin-1-yl)pyridine-2-carbonyl]-N-[(3M)-3-(3-oxo-2,3-dihydro-1H-isoindol-5-yl)phenyl]piperidine-3-carboxamide 'C31 H34 N6 O3'
UNX non-polymer 'UNKNOWN ATOM OR ION' ?
#
# COMPACT_ATOMS: atom_id res chain seq x y z
N PHE A 4 19.31 -17.98 -10.27
CA PHE A 4 18.34 -18.98 -10.71
C PHE A 4 16.93 -18.38 -10.83
N VAL A 5 16.77 -17.09 -10.54
CA VAL A 5 15.48 -16.38 -10.57
C VAL A 5 14.91 -16.33 -12.02
N GLY A 6 13.67 -16.78 -12.16
CA GLY A 6 12.93 -16.82 -13.43
C GLY A 6 13.01 -18.16 -14.15
N LEU A 7 13.86 -19.07 -13.65
CA LEU A 7 14.04 -20.37 -14.28
C LEU A 7 12.94 -21.33 -13.85
N ARG A 8 12.46 -22.16 -14.81
CA ARG A 8 11.47 -23.22 -14.61
C ARG A 8 12.20 -24.44 -14.08
N VAL A 9 11.65 -24.98 -13.02
CA VAL A 9 12.23 -26.06 -12.22
C VAL A 9 11.13 -27.07 -11.83
N VAL A 10 11.54 -28.09 -11.10
CA VAL A 10 10.70 -29.11 -10.51
C VAL A 10 11.13 -29.08 -9.05
N ALA A 11 10.21 -28.76 -8.14
CA ALA A 11 10.56 -28.56 -6.75
C ALA A 11 9.63 -29.27 -5.77
N LYS A 12 10.19 -29.61 -4.61
CA LYS A 12 9.44 -30.27 -3.58
C LYS A 12 8.45 -29.34 -2.88
N TRP A 13 7.24 -29.82 -2.77
CA TRP A 13 6.24 -29.11 -1.97
C TRP A 13 6.50 -29.69 -0.59
N SER A 14 6.94 -28.85 0.34
CA SER A 14 7.37 -29.22 1.70
C SER A 14 6.40 -30.14 2.45
N SER A 15 5.08 -29.82 2.45
CA SER A 15 4.08 -30.59 3.22
C SER A 15 3.88 -32.04 2.75
N ASN A 16 4.37 -32.45 1.55
CA ASN A 16 4.09 -33.82 1.13
C ASN A 16 5.26 -34.62 0.42
N GLY A 17 6.46 -34.06 0.30
CA GLY A 17 7.54 -34.87 -0.30
C GLY A 17 7.59 -35.00 -1.82
N TYR A 18 6.43 -34.74 -2.52
CA TYR A 18 6.31 -34.70 -3.99
C TYR A 18 6.98 -33.45 -4.53
N PHE A 19 7.48 -33.54 -5.78
CA PHE A 19 8.18 -32.52 -6.59
C PHE A 19 7.26 -32.14 -7.78
N TYR A 20 7.00 -30.83 -7.96
CA TYR A 20 6.10 -30.29 -8.97
C TYR A 20 6.76 -29.22 -9.80
N SER A 21 6.36 -29.10 -11.06
CA SER A 21 6.90 -28.06 -11.94
C SER A 21 6.40 -26.67 -11.48
N GLY A 22 7.29 -25.71 -11.61
CA GLY A 22 7.07 -24.33 -11.26
C GLY A 22 8.23 -23.48 -11.68
N LYS A 23 8.27 -22.25 -11.17
CA LYS A 23 9.28 -21.27 -11.52
C LYS A 23 9.81 -20.59 -10.26
N ILE A 24 11.13 -20.31 -10.23
CA ILE A 24 11.75 -19.55 -9.14
C ILE A 24 11.40 -18.10 -9.38
N THR A 25 10.74 -17.44 -8.41
CA THR A 25 10.38 -16.03 -8.58
C THR A 25 11.29 -15.11 -7.82
N ARG A 26 12.01 -15.67 -6.85
CA ARG A 26 12.78 -14.83 -5.95
C ARG A 26 13.79 -15.63 -5.20
N ASP A 27 14.87 -14.98 -4.84
CA ASP A 27 15.91 -15.53 -3.99
C ASP A 27 15.57 -14.90 -2.65
N VAL A 28 15.14 -15.72 -1.68
CA VAL A 28 14.72 -15.20 -0.38
C VAL A 28 15.86 -15.33 0.69
N GLY A 29 17.07 -15.70 0.25
CA GLY A 29 18.23 -15.92 1.11
C GLY A 29 18.15 -17.21 1.93
N ALA A 30 19.11 -17.43 2.87
CA ALA A 30 19.22 -18.61 3.77
C ALA A 30 19.13 -19.97 3.01
N GLY A 31 19.63 -19.98 1.77
CA GLY A 31 19.60 -21.16 0.89
C GLY A 31 18.24 -21.52 0.30
N LYS A 32 17.26 -20.62 0.47
CA LYS A 32 15.87 -20.78 0.03
C LYS A 32 15.50 -19.86 -1.15
N TYR A 33 14.51 -20.28 -1.94
CA TYR A 33 13.99 -19.52 -3.09
C TYR A 33 12.49 -19.61 -3.10
N LYS A 34 11.80 -18.52 -3.50
CA LYS A 34 10.35 -18.47 -3.63
C LYS A 34 9.98 -19.11 -4.91
N LEU A 35 8.98 -19.97 -4.83
CA LEU A 35 8.53 -20.71 -5.97
C LEU A 35 7.10 -20.42 -6.28
N LEU A 36 6.82 -20.23 -7.58
CA LEU A 36 5.46 -20.09 -8.07
C LEU A 36 5.24 -21.38 -8.84
N PHE A 37 4.39 -22.24 -8.27
CA PHE A 37 4.07 -23.51 -8.89
C PHE A 37 3.08 -23.32 -9.99
N ASP A 38 3.09 -24.22 -10.99
CA ASP A 38 2.20 -24.14 -12.14
C ASP A 38 0.72 -24.23 -11.79
N ASP A 39 0.37 -24.72 -10.57
CA ASP A 39 -1.02 -24.77 -10.09
C ASP A 39 -1.40 -23.47 -9.37
N GLY A 40 -0.47 -22.52 -9.25
CA GLY A 40 -0.71 -21.25 -8.59
C GLY A 40 -0.28 -21.16 -7.14
N TYR A 41 0.15 -22.28 -6.57
CA TYR A 41 0.59 -22.28 -5.17
C TYR A 41 1.99 -21.73 -5.06
N GLU A 42 2.28 -21.16 -3.92
CA GLU A 42 3.56 -20.52 -3.64
C GLU A 42 4.07 -20.94 -2.28
N CYS A 43 5.39 -21.13 -2.18
CA CYS A 43 6.08 -21.40 -0.93
C CYS A 43 7.61 -21.21 -1.10
N ASP A 44 8.33 -21.20 0.03
CA ASP A 44 9.78 -21.13 0.04
C ASP A 44 10.32 -22.57 -0.02
N VAL A 45 11.26 -22.83 -0.92
CA VAL A 45 11.84 -24.16 -1.10
C VAL A 45 13.36 -24.03 -0.99
N LEU A 46 14.01 -24.99 -0.31
CA LEU A 46 15.48 -25.05 -0.18
C LEU A 46 16.07 -25.45 -1.50
N GLY A 47 17.22 -24.89 -1.85
CA GLY A 47 17.92 -25.17 -3.10
C GLY A 47 18.12 -26.65 -3.37
N LYS A 48 18.37 -27.46 -2.32
CA LYS A 48 18.60 -28.91 -2.39
C LYS A 48 17.33 -29.64 -2.89
N ASP A 49 16.15 -29.02 -2.69
CA ASP A 49 14.83 -29.56 -3.07
C ASP A 49 14.31 -28.98 -4.39
N ILE A 50 15.20 -28.40 -5.19
CA ILE A 50 14.87 -27.78 -6.47
C ILE A 50 15.68 -28.47 -7.53
N LEU A 51 15.01 -29.06 -8.53
CA LEU A 51 15.69 -29.72 -9.63
C LEU A 51 15.57 -28.79 -10.81
N LEU A 52 16.71 -28.43 -11.37
CA LEU A 52 16.83 -27.52 -12.50
C LEU A 52 16.65 -28.26 -13.81
N CYS A 53 15.41 -28.62 -14.10
CA CYS A 53 15.11 -29.28 -15.38
C CYS A 53 13.72 -28.95 -15.86
N ASP A 54 13.68 -28.46 -17.08
CA ASP A 54 12.49 -28.15 -17.84
C ASP A 54 12.79 -28.46 -19.31
N PRO A 55 12.18 -29.51 -19.88
CA PRO A 55 11.17 -30.39 -19.29
C PRO A 55 11.78 -31.47 -18.38
N ILE A 56 10.95 -32.30 -17.70
CA ILE A 56 11.47 -33.44 -16.93
C ILE A 56 12.22 -34.32 -17.97
N PRO A 57 13.49 -34.71 -17.74
CA PRO A 57 14.26 -35.37 -18.81
C PRO A 57 13.72 -36.73 -19.25
N LEU A 58 14.09 -37.11 -20.47
CA LEU A 58 13.75 -38.45 -21.02
C LEU A 58 14.41 -39.51 -20.12
N ASP A 59 13.72 -40.65 -19.96
CA ASP A 59 14.08 -41.83 -19.19
C ASP A 59 13.92 -41.61 -17.67
N THR A 60 13.28 -40.49 -17.27
CA THR A 60 13.01 -40.23 -15.84
C THR A 60 11.79 -40.99 -15.47
N GLU A 61 11.82 -41.67 -14.32
CA GLU A 61 10.68 -42.33 -13.72
C GLU A 61 9.89 -41.28 -13.00
N VAL A 62 8.61 -41.16 -13.36
CA VAL A 62 7.68 -40.13 -12.86
C VAL A 62 6.38 -40.79 -12.33
N THR A 63 5.49 -39.96 -11.79
CA THR A 63 4.14 -40.32 -11.35
C THR A 63 3.18 -39.62 -12.32
N ALA A 64 2.41 -40.42 -13.07
CA ALA A 64 1.45 -39.91 -14.09
C ALA A 64 0.07 -39.90 -13.50
N LEU A 65 -0.66 -38.77 -13.64
CA LEU A 65 -1.97 -38.53 -13.07
C LEU A 65 -3.06 -38.68 -14.11
N SER A 66 -4.02 -39.59 -13.86
CA SER A 66 -5.13 -39.86 -14.76
C SER A 66 -6.41 -39.26 -14.24
N GLU A 67 -7.54 -39.65 -14.86
CA GLU A 67 -8.90 -39.25 -14.51
C GLU A 67 -9.32 -40.00 -13.25
N ASP A 68 -10.28 -39.42 -12.49
CA ASP A 68 -10.88 -39.97 -11.26
C ASP A 68 -9.81 -40.29 -10.16
N GLU A 69 -8.80 -39.38 -10.04
CA GLU A 69 -7.69 -39.33 -9.07
C GLU A 69 -6.69 -40.55 -9.16
N TYR A 70 -6.83 -41.43 -10.16
CA TYR A 70 -5.92 -42.57 -10.36
C TYR A 70 -4.52 -42.02 -10.79
N PHE A 71 -3.45 -42.64 -10.25
CA PHE A 71 -2.05 -42.29 -10.52
C PHE A 71 -1.22 -43.55 -10.55
N SER A 72 -0.10 -43.55 -11.29
CA SER A 72 0.78 -44.71 -11.41
C SER A 72 2.20 -44.23 -11.83
N ALA A 73 3.20 -45.08 -11.61
CA ALA A 73 4.59 -44.86 -11.95
C ALA A 73 4.78 -45.22 -13.42
N GLY A 74 5.67 -44.51 -14.06
CA GLY A 74 6.01 -44.73 -15.47
C GLY A 74 7.24 -43.96 -15.85
N VAL A 75 7.71 -44.13 -17.09
CA VAL A 75 8.96 -43.54 -17.56
C VAL A 75 8.70 -42.60 -18.73
N VAL A 76 9.29 -41.38 -18.68
CA VAL A 76 9.21 -40.39 -19.74
C VAL A 76 10.01 -40.95 -20.95
N LYS A 77 9.31 -41.15 -22.09
CA LYS A 77 9.95 -41.63 -23.30
C LYS A 77 9.78 -40.64 -24.46
N GLY A 78 9.13 -39.52 -24.17
CA GLY A 78 8.89 -38.48 -25.16
C GLY A 78 8.41 -37.19 -24.58
N HIS A 79 8.67 -36.12 -25.35
CA HIS A 79 8.29 -34.73 -25.11
C HIS A 79 7.64 -34.24 -26.38
N ARG A 80 6.54 -33.53 -26.28
CA ARG A 80 5.93 -32.93 -27.49
C ARG A 80 5.44 -31.55 -27.10
N LYS A 81 5.44 -30.65 -28.05
CA LYS A 81 4.96 -29.26 -27.94
C LYS A 81 3.78 -29.09 -28.88
N GLU A 82 2.65 -28.62 -28.38
CA GLU A 82 1.43 -28.50 -29.19
C GLU A 82 0.66 -27.29 -28.70
N SER A 83 0.50 -26.28 -29.59
CA SER A 83 -0.15 -25.00 -29.31
C SER A 83 0.52 -24.32 -28.08
N GLY A 84 1.83 -24.44 -28.02
CA GLY A 84 2.68 -23.87 -26.97
C GLY A 84 2.66 -24.57 -25.64
N GLU A 85 2.01 -25.75 -25.56
CA GLU A 85 1.90 -26.57 -24.35
C GLU A 85 2.76 -27.81 -24.42
N LEU A 86 3.29 -28.22 -23.27
CA LEU A 86 4.11 -29.41 -23.14
C LEU A 86 3.29 -30.66 -22.75
N TYR A 87 3.62 -31.76 -23.40
CA TYR A 87 3.06 -33.09 -23.19
C TYR A 87 4.18 -34.07 -23.00
N TYR A 88 3.94 -35.06 -22.11
CA TYR A 88 4.87 -36.15 -21.84
C TYR A 88 4.30 -37.48 -22.33
N SER A 89 5.09 -38.27 -23.07
CA SER A 89 4.72 -39.63 -23.50
C SER A 89 5.29 -40.54 -22.42
N ILE A 90 4.42 -41.15 -21.60
CA ILE A 90 4.86 -41.96 -20.45
C ILE A 90 4.63 -43.45 -20.70
N GLU A 91 5.69 -44.23 -20.55
CA GLU A 91 5.66 -45.68 -20.80
C GLU A 91 5.42 -46.47 -19.53
N LYS A 92 4.44 -47.37 -19.63
CA LYS A 92 4.01 -48.26 -18.58
C LYS A 92 3.57 -49.55 -19.21
N GLU A 93 4.25 -50.65 -18.83
CA GLU A 93 4.00 -52.03 -19.28
C GLU A 93 4.03 -52.09 -20.82
N GLY A 94 5.12 -51.56 -21.38
CA GLY A 94 5.38 -51.57 -22.82
C GLY A 94 4.50 -50.71 -23.69
N GLN A 95 3.61 -49.90 -23.08
CA GLN A 95 2.72 -49.01 -23.84
C GLN A 95 2.87 -47.57 -23.34
N ARG A 96 2.60 -46.62 -24.20
CA ARG A 96 2.77 -45.21 -23.93
C ARG A 96 1.44 -44.46 -23.99
N LYS A 97 1.29 -43.48 -23.10
CA LYS A 97 0.13 -42.57 -23.08
C LYS A 97 0.65 -41.15 -22.97
N TRP A 98 -0.09 -40.17 -23.50
CA TRP A 98 0.26 -38.76 -23.40
C TRP A 98 -0.37 -38.13 -22.17
N TYR A 99 0.45 -37.33 -21.45
CA TYR A 99 -0.02 -36.62 -20.26
C TYR A 99 0.43 -35.15 -20.38
N LYS A 100 -0.44 -34.23 -19.93
CA LYS A 100 -0.16 -32.80 -19.90
C LYS A 100 0.88 -32.56 -18.78
N ARG A 101 1.49 -31.37 -18.80
CA ARG A 101 2.47 -30.95 -17.82
C ARG A 101 1.86 -31.03 -16.38
N MET A 102 0.60 -30.66 -16.22
CA MET A 102 -0.14 -30.68 -14.92
C MET A 102 -0.56 -32.08 -14.46
N ALA A 103 -0.23 -33.13 -15.25
CA ALA A 103 -0.56 -34.53 -14.94
C ALA A 103 0.70 -35.38 -14.72
N VAL A 104 1.83 -34.74 -14.49
CA VAL A 104 3.13 -35.39 -14.29
C VAL A 104 3.81 -34.75 -13.09
N ILE A 105 4.17 -35.58 -12.12
CA ILE A 105 4.87 -35.17 -10.88
C ILE A 105 5.93 -36.21 -10.56
N LEU A 106 6.70 -35.96 -9.49
CA LEU A 106 7.71 -36.93 -8.99
C LEU A 106 7.44 -37.23 -7.52
N SER A 107 7.57 -38.51 -7.11
CA SER A 107 7.52 -38.85 -5.70
C SER A 107 8.82 -38.44 -5.07
N LEU A 108 8.89 -38.50 -3.76
CA LEU A 108 10.15 -38.22 -3.05
C LEU A 108 11.32 -39.04 -3.62
N GLU A 109 11.16 -40.35 -3.80
CA GLU A 109 12.19 -41.25 -4.28
C GLU A 109 12.59 -40.92 -5.74
N GLN A 110 11.60 -40.59 -6.60
CA GLN A 110 11.83 -40.25 -8.01
C GLN A 110 12.62 -38.93 -8.15
N GLY A 111 12.27 -37.94 -7.32
CA GLY A 111 12.95 -36.67 -7.27
C GLY A 111 14.38 -36.81 -6.77
N ASN A 112 14.57 -37.59 -5.70
CA ASN A 112 15.86 -37.89 -5.06
C ASN A 112 16.87 -38.40 -6.07
N ARG A 113 16.38 -39.18 -7.05
CA ARG A 113 17.16 -39.78 -8.13
C ARG A 113 17.79 -38.72 -9.07
N LEU A 114 17.23 -37.51 -9.12
CA LEU A 114 17.74 -36.43 -9.97
C LEU A 114 18.59 -35.39 -9.23
N ARG A 115 18.60 -35.40 -7.88
CA ARG A 115 19.32 -34.45 -7.02
C ARG A 115 20.77 -34.20 -7.41
N GLU A 116 21.54 -35.26 -7.58
CA GLU A 116 22.97 -35.17 -7.85
C GLU A 116 23.27 -34.43 -9.17
N GLN A 117 22.50 -34.77 -10.24
CA GLN A 117 22.70 -34.17 -11.54
C GLN A 117 21.97 -32.84 -11.73
N TYR A 118 20.78 -32.66 -11.16
CA TYR A 118 19.94 -31.48 -11.42
C TYR A 118 19.64 -30.57 -10.24
N GLY A 119 19.97 -30.98 -9.03
CA GLY A 119 19.68 -30.20 -7.83
C GLY A 119 20.47 -28.90 -7.76
N LEU A 120 19.97 -27.90 -6.99
CA LEU A 120 20.70 -26.62 -6.83
C LEU A 120 21.71 -26.72 -5.65
N GLY A 121 21.20 -26.61 -4.40
CA GLY A 121 21.97 -26.71 -3.17
C GLY A 121 23.11 -25.72 -3.02
N ASN B 2 -18.37 -54.16 21.33
CA ASN B 2 -18.71 -54.66 19.99
C ASN B 2 -17.71 -54.21 18.88
N SER B 3 -17.27 -55.20 18.09
CA SER B 3 -16.27 -55.05 17.03
C SER B 3 -16.67 -54.07 15.92
N PHE B 4 -15.63 -53.39 15.42
CA PHE B 4 -15.72 -52.39 14.35
C PHE B 4 -15.42 -52.98 12.99
N VAL B 5 -15.08 -54.29 12.93
CA VAL B 5 -14.77 -54.99 11.68
C VAL B 5 -16.03 -55.06 10.82
N GLY B 6 -15.85 -54.67 9.55
CA GLY B 6 -16.91 -54.65 8.54
C GLY B 6 -17.60 -53.32 8.43
N LEU B 7 -17.29 -52.39 9.34
CA LEU B 7 -17.90 -51.06 9.33
C LEU B 7 -17.16 -50.12 8.41
N ARG B 8 -17.93 -49.24 7.77
CA ARG B 8 -17.45 -48.19 6.86
C ARG B 8 -17.06 -47.00 7.71
N VAL B 9 -15.84 -46.53 7.46
CA VAL B 9 -15.16 -45.49 8.24
C VAL B 9 -14.44 -44.51 7.35
N VAL B 10 -13.78 -43.50 7.97
CA VAL B 10 -12.91 -42.50 7.36
C VAL B 10 -11.59 -42.59 8.15
N ALA B 11 -10.55 -43.09 7.52
CA ALA B 11 -9.28 -43.44 8.13
C ALA B 11 -8.13 -42.70 7.52
N LYS B 12 -7.08 -42.48 8.34
CA LYS B 12 -5.85 -41.82 7.93
C LYS B 12 -4.96 -42.77 7.10
N TRP B 13 -4.44 -42.24 6.00
CA TRP B 13 -3.45 -42.89 5.15
C TRP B 13 -2.14 -42.29 5.66
N SER B 14 -1.30 -43.14 6.27
CA SER B 14 -0.03 -42.80 6.97
C SER B 14 0.89 -41.84 6.19
N SER B 15 1.12 -42.12 4.88
CA SER B 15 2.06 -41.37 4.06
C SER B 15 1.69 -39.89 3.80
N ASN B 16 0.46 -39.42 4.03
CA ASN B 16 0.17 -38.01 3.70
C ASN B 16 -0.73 -37.26 4.74
N GLY B 17 -1.19 -37.94 5.79
CA GLY B 17 -2.00 -37.29 6.82
C GLY B 17 -3.47 -37.11 6.48
N TYR B 18 -3.87 -37.32 5.22
CA TYR B 18 -5.28 -37.26 4.79
C TYR B 18 -6.07 -38.50 5.23
N PHE B 19 -7.37 -38.30 5.48
CA PHE B 19 -8.34 -39.34 5.90
C PHE B 19 -9.25 -39.66 4.72
N TYR B 20 -9.46 -40.95 4.45
CA TYR B 20 -10.25 -41.40 3.30
C TYR B 20 -11.27 -42.45 3.71
N SER B 21 -12.42 -42.47 3.02
CA SER B 21 -13.42 -43.50 3.28
C SER B 21 -12.89 -44.88 2.88
N GLY B 22 -13.33 -45.85 3.65
CA GLY B 22 -13.00 -47.25 3.48
C GLY B 22 -13.79 -48.10 4.44
N LYS B 23 -13.35 -49.34 4.57
CA LYS B 23 -13.99 -50.31 5.44
C LYS B 23 -12.92 -51.05 6.26
N ILE B 24 -13.22 -51.34 7.53
CA ILE B 24 -12.31 -52.12 8.37
C ILE B 24 -12.54 -53.58 7.96
N THR B 25 -11.48 -54.29 7.57
CA THR B 25 -11.62 -55.69 7.15
C THR B 25 -11.14 -56.67 8.20
N ARG B 26 -10.15 -56.27 9.03
CA ARG B 26 -9.60 -57.16 10.08
C ARG B 26 -9.22 -56.42 11.38
N ASP B 27 -9.30 -57.11 12.54
CA ASP B 27 -8.80 -56.61 13.82
C ASP B 27 -7.43 -57.29 13.90
N VAL B 28 -6.35 -56.51 13.79
CA VAL B 28 -5.02 -57.15 13.73
C VAL B 28 -4.35 -57.10 15.16
N GLY B 29 -5.16 -56.94 16.21
CA GLY B 29 -4.77 -56.86 17.62
C GLY B 29 -4.21 -55.52 18.06
N ALA B 30 -4.15 -55.29 19.39
CA ALA B 30 -3.53 -54.13 20.06
C ALA B 30 -3.97 -52.70 19.52
N GLY B 31 -5.24 -52.55 19.18
CA GLY B 31 -5.72 -51.29 18.65
C GLY B 31 -5.45 -51.00 17.18
N LYS B 32 -4.72 -51.89 16.41
CA LYS B 32 -4.58 -51.64 14.96
C LYS B 32 -5.66 -52.45 14.22
N TYR B 33 -6.01 -52.01 13.00
CA TYR B 33 -7.02 -52.63 12.13
C TYR B 33 -6.52 -52.67 10.70
N LYS B 34 -6.96 -53.67 9.93
CA LYS B 34 -6.66 -53.68 8.48
C LYS B 34 -7.79 -52.92 7.80
N LEU B 35 -7.40 -52.06 6.90
CA LEU B 35 -8.29 -51.18 6.18
C LEU B 35 -8.24 -51.44 4.70
N LEU B 36 -9.42 -51.49 4.04
CA LEU B 36 -9.59 -51.56 2.60
C LEU B 36 -10.24 -50.23 2.25
N PHE B 37 -9.50 -49.39 1.53
CA PHE B 37 -9.96 -48.09 1.14
C PHE B 37 -10.78 -48.22 -0.11
N ASP B 38 -11.68 -47.26 -0.33
CA ASP B 38 -12.60 -47.25 -1.48
C ASP B 38 -11.89 -47.16 -2.82
N ASP B 39 -10.58 -46.75 -2.84
CA ASP B 39 -9.77 -46.71 -4.06
C ASP B 39 -9.03 -48.06 -4.29
N GLY B 40 -9.20 -48.99 -3.38
CA GLY B 40 -8.59 -50.30 -3.50
C GLY B 40 -7.31 -50.49 -2.71
N TYR B 41 -6.81 -49.42 -2.07
CA TYR B 41 -5.57 -49.49 -1.30
C TYR B 41 -5.84 -50.06 0.03
N GLU B 42 -4.85 -50.79 0.56
CA GLU B 42 -4.99 -51.47 1.84
C GLU B 42 -3.77 -51.16 2.70
N CYS B 43 -3.96 -51.06 4.03
CA CYS B 43 -2.87 -50.86 5.02
C CYS B 43 -3.42 -51.07 6.45
N ASP B 44 -2.52 -51.09 7.45
CA ASP B 44 -2.88 -51.20 8.87
C ASP B 44 -3.01 -49.77 9.40
N VAL B 45 -4.09 -49.50 10.14
CA VAL B 45 -4.35 -48.17 10.70
C VAL B 45 -4.68 -48.34 12.19
N LEU B 46 -4.14 -47.46 13.04
CA LEU B 46 -4.45 -47.47 14.48
C LEU B 46 -5.87 -46.95 14.69
N GLY B 47 -6.60 -47.53 15.65
CA GLY B 47 -7.94 -47.14 16.02
C GLY B 47 -8.17 -45.65 16.25
N LYS B 48 -7.18 -44.98 16.85
CA LYS B 48 -7.16 -43.55 17.12
C LYS B 48 -7.20 -42.74 15.82
N ASP B 49 -6.74 -43.32 14.69
CA ASP B 49 -6.71 -42.69 13.36
C ASP B 49 -7.88 -43.14 12.46
N ILE B 50 -8.95 -43.66 13.06
CA ILE B 50 -10.12 -44.14 12.34
C ILE B 50 -11.35 -43.42 12.85
N LEU B 51 -12.10 -42.81 11.91
CA LEU B 51 -13.34 -42.10 12.26
C LEU B 51 -14.54 -42.92 11.87
N LEU B 52 -15.38 -43.19 12.85
CA LEU B 52 -16.57 -43.99 12.67
C LEU B 52 -17.71 -43.13 12.17
N CYS B 53 -17.69 -42.83 10.88
CA CYS B 53 -18.78 -42.06 10.30
C CYS B 53 -18.88 -42.34 8.80
N ASP B 54 -20.06 -42.77 8.40
CA ASP B 54 -20.46 -42.99 7.02
C ASP B 54 -21.97 -42.66 6.99
N PRO B 55 -22.38 -41.53 6.37
CA PRO B 55 -21.54 -40.60 5.58
C PRO B 55 -20.77 -39.61 6.47
N ILE B 56 -19.89 -38.78 5.87
CA ILE B 56 -19.19 -37.74 6.62
C ILE B 56 -20.33 -36.82 7.12
N PRO B 57 -20.38 -36.49 8.43
CA PRO B 57 -21.55 -35.76 8.94
C PRO B 57 -21.71 -34.34 8.40
N LEU B 58 -22.95 -33.83 8.51
CA LEU B 58 -23.29 -32.45 8.13
C LEU B 58 -22.51 -31.49 9.04
N ASP B 59 -22.09 -30.38 8.47
CA ASP B 59 -21.32 -29.28 9.08
C ASP B 59 -19.83 -29.64 9.28
N THR B 60 -19.39 -30.76 8.69
CA THR B 60 -17.98 -31.14 8.76
C THR B 60 -17.24 -30.33 7.72
N GLU B 61 -16.07 -29.79 8.10
CA GLU B 61 -15.15 -29.15 7.15
C GLU B 61 -14.36 -30.26 6.47
N VAL B 62 -14.44 -30.30 5.13
CA VAL B 62 -13.81 -31.32 4.29
C VAL B 62 -12.94 -30.69 3.19
N THR B 63 -12.28 -31.56 2.39
CA THR B 63 -11.48 -31.20 1.21
C THR B 63 -12.22 -31.79 0.02
N ALA B 64 -12.73 -30.92 -0.85
CA ALA B 64 -13.51 -31.34 -2.00
C ALA B 64 -12.60 -31.34 -3.23
N LEU B 65 -12.64 -32.44 -3.98
CA LEU B 65 -11.80 -32.70 -5.15
C LEU B 65 -12.57 -32.44 -6.41
N SER B 66 -12.05 -31.54 -7.25
CA SER B 66 -12.68 -31.24 -8.54
C SER B 66 -11.89 -31.92 -9.64
N GLU B 67 -12.23 -31.59 -10.89
CA GLU B 67 -11.54 -32.10 -12.06
C GLU B 67 -10.23 -31.30 -12.24
N ASP B 68 -9.29 -31.88 -13.00
CA ASP B 68 -7.96 -31.33 -13.32
C ASP B 68 -7.13 -31.04 -12.03
N GLU B 69 -7.25 -31.95 -11.03
CA GLU B 69 -6.54 -32.05 -9.76
C GLU B 69 -6.81 -30.86 -8.78
N TYR B 70 -7.70 -29.90 -9.14
CA TYR B 70 -8.06 -28.77 -8.26
C TYR B 70 -8.78 -29.32 -7.01
N PHE B 71 -8.48 -28.75 -5.83
CA PHE B 71 -9.09 -29.12 -4.54
C PHE B 71 -9.24 -27.86 -3.71
N SER B 72 -10.22 -27.86 -2.78
CA SER B 72 -10.47 -26.74 -1.88
C SER B 72 -11.21 -27.21 -0.61
N ALA B 73 -11.16 -26.40 0.46
CA ALA B 73 -11.84 -26.61 1.73
C ALA B 73 -13.28 -26.17 1.57
N GLY B 74 -14.17 -26.87 2.26
CA GLY B 74 -15.59 -26.59 2.23
C GLY B 74 -16.29 -27.25 3.38
N VAL B 75 -17.56 -26.98 3.55
CA VAL B 75 -18.37 -27.56 4.63
C VAL B 75 -19.54 -28.36 4.05
N VAL B 76 -19.73 -29.60 4.54
CA VAL B 76 -20.83 -30.48 4.15
C VAL B 76 -22.13 -29.87 4.66
N LYS B 77 -23.03 -29.53 3.72
CA LYS B 77 -24.32 -28.95 4.07
C LYS B 77 -25.49 -29.82 3.60
N GLY B 78 -25.19 -30.94 2.96
CA GLY B 78 -26.20 -31.86 2.47
C GLY B 78 -25.68 -33.23 2.09
N HIS B 79 -26.59 -34.20 2.11
CA HIS B 79 -26.36 -35.61 1.70
C HIS B 79 -27.48 -35.94 0.75
N ARG B 80 -27.16 -36.56 -0.40
CA ARG B 80 -28.18 -36.97 -1.35
C ARG B 80 -27.90 -38.36 -1.89
N LYS B 81 -28.94 -39.18 -1.94
CA LYS B 81 -28.89 -40.52 -2.51
C LYS B 81 -29.62 -40.40 -3.86
N GLU B 82 -28.89 -40.73 -4.96
CA GLU B 82 -29.39 -40.66 -6.34
C GLU B 82 -28.84 -41.85 -7.13
N SER B 83 -29.76 -42.71 -7.64
CA SER B 83 -29.43 -43.92 -8.40
C SER B 83 -28.55 -44.88 -7.55
N GLY B 84 -28.82 -44.89 -6.24
CA GLY B 84 -28.10 -45.70 -5.25
C GLY B 84 -26.75 -45.19 -4.83
N GLU B 85 -26.36 -43.97 -5.29
CA GLU B 85 -25.05 -43.36 -5.02
C GLU B 85 -25.16 -42.18 -4.07
N LEU B 86 -24.10 -41.96 -3.27
CA LEU B 86 -24.04 -40.86 -2.32
C LEU B 86 -23.34 -39.64 -2.90
N TYR B 87 -23.94 -38.48 -2.67
CA TYR B 87 -23.43 -37.18 -3.05
C TYR B 87 -23.41 -36.26 -1.84
N TYR B 88 -22.37 -35.43 -1.78
CA TYR B 88 -22.23 -34.41 -0.76
C TYR B 88 -22.43 -33.03 -1.33
N SER B 89 -23.29 -32.22 -0.69
CA SER B 89 -23.43 -30.81 -1.09
C SER B 89 -22.40 -30.03 -0.23
N ILE B 90 -21.39 -29.42 -0.88
CA ILE B 90 -20.31 -28.75 -0.15
C ILE B 90 -20.36 -27.24 -0.36
N GLU B 91 -20.43 -26.50 0.74
CA GLU B 91 -20.52 -25.05 0.72
C GLU B 91 -19.15 -24.39 0.85
N LYS B 92 -18.88 -23.46 -0.06
CA LYS B 92 -17.66 -22.67 -0.10
C LYS B 92 -18.03 -21.24 -0.49
N GLU B 93 -17.78 -20.30 0.43
CA GLU B 93 -18.03 -18.86 0.26
C GLU B 93 -19.45 -18.62 -0.25
N GLY B 94 -20.39 -19.11 0.56
CA GLY B 94 -21.83 -18.98 0.38
C GLY B 94 -22.47 -19.70 -0.79
N GLN B 95 -21.71 -20.54 -1.52
CA GLN B 95 -22.24 -21.29 -2.67
C GLN B 95 -22.02 -22.80 -2.47
N ARG B 96 -22.92 -23.63 -2.99
CA ARG B 96 -22.88 -25.07 -2.85
C ARG B 96 -22.71 -25.80 -4.18
N LYS B 97 -21.92 -26.89 -4.16
CA LYS B 97 -21.68 -27.77 -5.30
C LYS B 97 -21.80 -29.21 -4.83
N TRP B 98 -22.23 -30.11 -5.74
CA TRP B 98 -22.34 -31.52 -5.46
C TRP B 98 -21.07 -32.29 -5.80
N TYR B 99 -20.64 -33.17 -4.90
CA TYR B 99 -19.44 -34.01 -5.06
C TYR B 99 -19.78 -35.46 -4.75
N LYS B 100 -19.21 -36.42 -5.46
CA LYS B 100 -19.35 -37.87 -5.22
C LYS B 100 -18.50 -38.22 -4.00
N ARG B 101 -18.68 -39.43 -3.41
CA ARG B 101 -17.94 -39.92 -2.23
C ARG B 101 -16.42 -40.00 -2.50
N MET B 102 -16.03 -40.36 -3.71
CA MET B 102 -14.61 -40.46 -4.09
C MET B 102 -13.94 -39.07 -4.35
N ALA B 103 -14.70 -37.98 -4.25
CA ALA B 103 -14.25 -36.59 -4.43
C ALA B 103 -14.26 -35.78 -3.10
N VAL B 104 -14.42 -36.47 -1.96
CA VAL B 104 -14.49 -35.85 -0.65
C VAL B 104 -13.53 -36.58 0.28
N ILE B 105 -12.58 -35.85 0.86
CA ILE B 105 -11.59 -36.37 1.81
C ILE B 105 -11.45 -35.36 2.97
N LEU B 106 -10.61 -35.70 3.98
CA LEU B 106 -10.33 -34.83 5.11
C LEU B 106 -8.82 -34.68 5.18
N SER B 107 -8.36 -33.44 5.42
CA SER B 107 -6.94 -33.19 5.67
C SER B 107 -6.63 -33.73 7.05
N LEU B 108 -5.35 -33.66 7.45
CA LEU B 108 -4.93 -34.04 8.80
C LEU B 108 -5.67 -33.23 9.88
N GLU B 109 -5.69 -31.88 9.78
CA GLU B 109 -6.37 -31.02 10.73
C GLU B 109 -7.89 -31.23 10.76
N GLN B 110 -8.53 -31.46 9.58
CA GLN B 110 -9.97 -31.70 9.47
C GLN B 110 -10.39 -32.98 10.16
N GLY B 111 -9.60 -34.04 9.99
CA GLY B 111 -9.84 -35.35 10.58
C GLY B 111 -9.60 -35.36 12.09
N ASN B 112 -8.52 -34.61 12.53
CA ASN B 112 -8.16 -34.43 13.94
C ASN B 112 -9.30 -33.84 14.74
N ARG B 113 -10.06 -32.92 14.11
CA ARG B 113 -11.22 -32.24 14.70
C ARG B 113 -12.36 -33.22 15.03
N LEU B 114 -12.45 -34.38 14.34
CA LEU B 114 -13.52 -35.35 14.56
C LEU B 114 -13.11 -36.50 15.48
N ARG B 115 -11.81 -36.63 15.84
CA ARG B 115 -11.28 -37.71 16.68
C ARG B 115 -12.04 -37.91 17.97
N GLU B 116 -12.29 -36.83 18.74
CA GLU B 116 -12.93 -36.93 20.06
C GLU B 116 -14.36 -37.47 19.95
N GLN B 117 -15.14 -36.99 18.97
CA GLN B 117 -16.52 -37.42 18.78
C GLN B 117 -16.66 -38.75 18.01
N TYR B 118 -15.81 -39.00 17.00
CA TYR B 118 -15.99 -40.15 16.09
C TYR B 118 -14.86 -41.18 16.06
N GLY B 119 -13.75 -40.89 16.70
CA GLY B 119 -12.59 -41.78 16.71
C GLY B 119 -12.81 -43.06 17.46
N LEU B 120 -12.05 -44.10 17.12
CA LEU B 120 -12.18 -45.38 17.82
C LEU B 120 -11.35 -45.44 19.12
N GLY B 121 -10.02 -45.41 19.03
CA GLY B 121 -9.12 -45.50 20.17
C GLY B 121 -9.17 -44.29 21.09
N SER C 3 38.38 9.32 -1.58
CA SER C 3 37.23 9.42 -0.66
C SER C 3 35.94 9.09 -1.35
N PHE C 4 34.98 8.52 -0.60
CA PHE C 4 33.67 8.15 -1.13
C PHE C 4 32.63 9.25 -0.90
N VAL C 5 32.98 10.30 -0.11
CA VAL C 5 32.07 11.41 0.21
C VAL C 5 31.72 12.18 -1.07
N GLY C 6 30.42 12.33 -1.33
CA GLY C 6 29.88 13.05 -2.47
C GLY C 6 29.54 12.19 -3.66
N LEU C 7 29.91 10.90 -3.56
CA LEU C 7 29.65 9.95 -4.66
C LEU C 7 28.24 9.39 -4.57
N ARG C 8 27.64 9.17 -5.75
CA ARG C 8 26.32 8.58 -5.93
C ARG C 8 26.45 7.08 -5.83
N VAL C 9 25.59 6.49 -5.00
CA VAL C 9 25.65 5.08 -4.61
C VAL C 9 24.26 4.50 -4.53
N VAL C 10 24.17 3.17 -4.24
CA VAL C 10 22.91 2.44 -4.01
C VAL C 10 23.14 1.84 -2.63
N ALA C 11 22.40 2.32 -1.62
CA ALA C 11 22.66 1.99 -0.21
C ALA C 11 21.40 1.49 0.53
N LYS C 12 21.60 0.58 1.49
CA LYS C 12 20.55 -0.07 2.27
C LYS C 12 19.89 0.87 3.25
N TRP C 13 18.57 0.79 3.35
CA TRP C 13 17.77 1.50 4.33
C TRP C 13 17.49 0.41 5.39
N SER C 14 17.99 0.63 6.61
CA SER C 14 17.94 -0.30 7.76
C SER C 14 16.56 -0.93 8.08
N SER C 15 15.50 -0.15 8.10
CA SER C 15 14.17 -0.61 8.49
C SER C 15 13.52 -1.65 7.54
N ASN C 16 13.99 -1.81 6.28
CA ASN C 16 13.29 -2.75 5.39
C ASN C 16 14.22 -3.66 4.51
N GLY C 17 15.54 -3.47 4.59
CA GLY C 17 16.49 -4.30 3.87
C GLY C 17 16.70 -3.95 2.41
N TYR C 18 15.82 -3.07 1.85
CA TYR C 18 15.93 -2.61 0.44
C TYR C 18 17.05 -1.53 0.28
N PHE C 19 17.68 -1.49 -0.91
CA PHE C 19 18.77 -0.59 -1.31
C PHE C 19 18.18 0.43 -2.22
N TYR C 20 18.54 1.71 -1.99
CA TYR C 20 18.04 2.84 -2.74
C TYR C 20 19.17 3.74 -3.25
N SER C 21 18.98 4.34 -4.42
CA SER C 21 19.97 5.31 -4.94
C SER C 21 19.97 6.58 -4.07
N GLY C 22 21.18 7.12 -3.90
CA GLY C 22 21.44 8.30 -3.08
C GLY C 22 22.86 8.73 -3.25
N LYS C 23 23.30 9.61 -2.35
CA LYS C 23 24.63 10.18 -2.32
C LYS C 23 25.20 10.10 -0.90
N ILE C 24 26.51 9.82 -0.77
CA ILE C 24 27.20 9.84 0.54
C ILE C 24 27.47 11.30 0.83
N THR C 25 26.99 11.83 1.97
CA THR C 25 27.20 13.23 2.31
C THR C 25 28.30 13.41 3.36
N ARG C 26 28.61 12.37 4.13
CA ARG C 26 29.64 12.53 5.16
C ARG C 26 30.16 11.20 5.60
N ASP C 27 31.37 11.23 6.16
CA ASP C 27 32.01 10.11 6.81
C ASP C 27 31.72 10.38 8.30
N VAL C 28 30.87 9.57 8.91
CA VAL C 28 30.50 9.78 10.32
C VAL C 28 31.31 8.86 11.28
N GLY C 29 32.25 8.09 10.75
CA GLY C 29 33.04 7.16 11.57
C GLY C 29 32.33 5.85 11.88
N ALA C 30 33.02 4.96 12.64
CA ALA C 30 32.54 3.62 13.05
C ALA C 30 32.16 2.76 11.84
N GLY C 31 32.81 3.01 10.71
CA GLY C 31 32.52 2.32 9.44
C GLY C 31 31.27 2.77 8.72
N LYS C 32 30.65 3.84 9.22
CA LYS C 32 29.40 4.39 8.76
C LYS C 32 29.55 5.71 7.97
N TYR C 33 28.57 5.96 7.11
CA TYR C 33 28.47 7.15 6.28
C TYR C 33 27.10 7.74 6.36
N LYS C 34 26.98 9.05 6.22
CA LYS C 34 25.67 9.67 6.17
C LYS C 34 25.20 9.60 4.68
N LEU C 35 23.93 9.21 4.47
CA LEU C 35 23.39 9.12 3.12
C LEU C 35 22.28 10.14 2.86
N LEU C 36 22.29 10.81 1.74
CA LEU C 36 21.17 11.61 1.35
C LEU C 36 20.56 10.82 0.22
N PHE C 37 19.40 10.23 0.49
CA PHE C 37 18.71 9.44 -0.53
C PHE C 37 17.99 10.34 -1.52
N ASP C 38 17.79 9.85 -2.75
CA ASP C 38 17.12 10.60 -3.83
C ASP C 38 15.66 10.99 -3.49
N ASP C 39 15.04 10.36 -2.47
CA ASP C 39 13.70 10.72 -1.99
C ASP C 39 13.75 11.78 -0.87
N GLY C 40 14.96 12.18 -0.46
CA GLY C 40 15.17 13.21 0.56
C GLY C 40 15.41 12.70 1.96
N TYR C 41 15.28 11.39 2.15
CA TYR C 41 15.52 10.79 3.46
C TYR C 41 16.98 10.66 3.72
N GLU C 42 17.33 10.72 4.99
CA GLU C 42 18.69 10.66 5.47
C GLU C 42 18.82 9.68 6.60
N CYS C 43 19.95 8.95 6.63
CA CYS C 43 20.31 8.03 7.70
C CYS C 43 21.78 7.63 7.58
N ASP C 44 22.29 7.00 8.61
CA ASP C 44 23.66 6.49 8.65
C ASP C 44 23.62 5.06 8.11
N VAL C 45 24.54 4.72 7.20
CA VAL C 45 24.61 3.40 6.57
C VAL C 45 26.04 2.89 6.71
N LEU C 46 26.22 1.60 7.01
CA LEU C 46 27.54 0.97 7.08
C LEU C 46 28.11 0.83 5.68
N GLY C 47 29.42 1.05 5.53
CA GLY C 47 30.11 0.95 4.24
C GLY C 47 29.84 -0.34 3.47
N LYS C 48 29.74 -1.46 4.22
CA LYS C 48 29.45 -2.81 3.70
C LYS C 48 28.05 -2.86 3.04
N ASP C 49 27.13 -1.94 3.40
CA ASP C 49 25.77 -1.87 2.85
C ASP C 49 25.62 -0.76 1.79
N ILE C 50 26.72 -0.29 1.23
CA ILE C 50 26.74 0.77 0.22
C ILE C 50 27.39 0.23 -1.03
N LEU C 51 26.70 0.30 -2.19
CA LEU C 51 27.26 -0.18 -3.47
C LEU C 51 27.61 1.01 -4.30
N LEU C 52 28.86 1.07 -4.68
CA LEU C 52 29.40 2.16 -5.45
C LEU C 52 29.11 1.98 -6.95
N CYS C 53 27.95 2.46 -7.36
CA CYS C 53 27.54 2.37 -8.76
C CYS C 53 26.39 3.32 -9.01
N ASP C 54 26.55 4.08 -10.07
CA ASP C 54 25.56 4.99 -10.61
C ASP C 54 25.81 5.11 -12.12
N PRO C 55 24.91 4.60 -12.98
CA PRO C 55 23.58 4.02 -12.67
C PRO C 55 23.68 2.56 -12.18
N ILE C 56 22.54 1.95 -11.83
CA ILE C 56 22.54 0.52 -11.46
C ILE C 56 23.07 -0.21 -12.71
N PRO C 57 24.12 -1.06 -12.60
CA PRO C 57 24.71 -1.62 -13.85
C PRO C 57 23.78 -2.51 -14.66
N LEU C 58 24.09 -2.63 -15.95
CA LEU C 58 23.39 -3.56 -16.84
C LEU C 58 23.55 -5.00 -16.31
N ASP C 59 22.52 -5.83 -16.50
CA ASP C 59 22.39 -7.23 -16.08
C ASP C 59 22.18 -7.37 -14.54
N THR C 60 21.90 -6.27 -13.85
CA THR C 60 21.64 -6.36 -12.40
C THR C 60 20.17 -6.73 -12.25
N GLU C 61 19.91 -7.63 -11.34
CA GLU C 61 18.55 -8.02 -10.94
C GLU C 61 18.12 -7.01 -9.95
N VAL C 62 17.02 -6.36 -10.26
CA VAL C 62 16.42 -5.26 -9.46
C VAL C 62 14.94 -5.55 -9.10
N THR C 63 14.33 -4.61 -8.38
CA THR C 63 12.90 -4.59 -8.03
C THR C 63 12.35 -3.35 -8.74
N ALA C 64 11.42 -3.58 -9.66
CA ALA C 64 10.80 -2.51 -10.45
C ALA C 64 9.45 -2.16 -9.85
N LEU C 65 9.20 -0.86 -9.61
CA LEU C 65 8.00 -0.32 -9.00
C LEU C 65 7.04 0.20 -10.04
N SER C 66 5.81 -0.32 -10.05
CA SER C 66 4.76 0.09 -10.98
C SER C 66 3.72 0.94 -10.23
N GLU C 67 2.59 1.18 -10.90
CA GLU C 67 1.41 1.92 -10.43
C GLU C 67 0.69 1.05 -9.40
N ASP C 68 -0.03 1.72 -8.47
CA ASP C 68 -0.89 1.18 -7.42
C ASP C 68 -0.15 0.16 -6.52
N GLU C 69 1.11 0.53 -6.15
CA GLU C 69 2.03 -0.13 -5.23
C GLU C 69 2.56 -1.50 -5.72
N TYR C 70 2.21 -1.97 -6.94
CA TYR C 70 2.71 -3.22 -7.50
C TYR C 70 4.21 -3.11 -7.76
N PHE C 71 4.96 -4.19 -7.44
CA PHE C 71 6.40 -4.32 -7.62
C PHE C 71 6.73 -5.74 -8.04
N SER C 72 7.83 -5.93 -8.80
CA SER C 72 8.28 -7.25 -9.26
C SER C 72 9.79 -7.25 -9.52
N ALA C 73 10.40 -8.45 -9.59
CA ALA C 73 11.82 -8.64 -9.94
C ALA C 73 12.00 -8.54 -11.45
N GLY C 74 13.16 -8.07 -11.86
CA GLY C 74 13.52 -8.01 -13.26
C GLY C 74 14.99 -7.76 -13.42
N VAL C 75 15.47 -7.67 -14.67
CA VAL C 75 16.90 -7.45 -14.96
C VAL C 75 17.08 -6.19 -15.81
N VAL C 76 18.04 -5.31 -15.43
CA VAL C 76 18.38 -4.08 -16.15
C VAL C 76 19.05 -4.49 -17.47
N LYS C 77 18.44 -4.10 -18.60
CA LYS C 77 18.99 -4.41 -19.91
C LYS C 77 19.27 -3.12 -20.72
N GLY C 78 18.98 -1.97 -20.13
CA GLY C 78 19.18 -0.70 -20.80
C GLY C 78 19.19 0.48 -19.85
N HIS C 79 19.85 1.56 -20.28
CA HIS C 79 19.92 2.85 -19.60
C HIS C 79 19.55 3.89 -20.64
N ARG C 80 18.72 4.89 -20.29
CA ARG C 80 18.39 5.99 -21.20
C ARG C 80 18.37 7.31 -20.44
N LYS C 81 18.94 8.35 -21.07
CA LYS C 81 18.87 9.72 -20.56
C LYS C 81 17.87 10.46 -21.44
N GLU C 82 16.89 11.16 -20.83
CA GLU C 82 15.87 11.93 -21.55
C GLU C 82 15.50 13.14 -20.74
N SER C 83 15.67 14.35 -21.32
CA SER C 83 15.45 15.66 -20.67
C SER C 83 16.22 15.76 -19.32
N GLY C 84 17.42 15.14 -19.31
CA GLY C 84 18.34 15.11 -18.17
C GLY C 84 18.01 14.12 -17.09
N GLU C 85 17.01 13.24 -17.33
CA GLU C 85 16.58 12.21 -16.36
C GLU C 85 16.97 10.81 -16.77
N LEU C 86 17.21 9.93 -15.80
CA LEU C 86 17.57 8.53 -16.03
C LEU C 86 16.39 7.59 -16.04
N TYR C 87 16.38 6.66 -17.01
CA TYR C 87 15.40 5.59 -17.18
C TYR C 87 16.10 4.26 -17.34
N TYR C 88 15.48 3.20 -16.82
CA TYR C 88 15.98 1.83 -16.92
C TYR C 88 15.02 0.96 -17.75
N SER C 89 15.56 0.12 -18.65
CA SER C 89 14.75 -0.85 -19.40
C SER C 89 14.91 -2.12 -18.61
N ILE C 90 13.81 -2.61 -18.05
CA ILE C 90 13.85 -3.78 -17.19
C ILE C 90 13.15 -4.94 -17.86
N GLU C 91 13.89 -6.04 -18.01
CA GLU C 91 13.40 -7.25 -18.64
C GLU C 91 12.80 -8.20 -17.65
N LYS C 92 11.57 -8.67 -17.96
CA LYS C 92 10.87 -9.66 -17.18
C LYS C 92 10.10 -10.54 -18.14
N GLU C 93 10.41 -11.86 -18.11
CA GLU C 93 9.82 -12.90 -18.94
C GLU C 93 9.93 -12.54 -20.42
N GLY C 94 11.16 -12.23 -20.84
CA GLY C 94 11.49 -11.89 -22.22
C GLY C 94 10.93 -10.61 -22.81
N GLN C 95 10.32 -9.75 -21.99
CA GLN C 95 9.77 -8.45 -22.41
C GLN C 95 10.38 -7.33 -21.56
N ARG C 96 10.54 -6.15 -22.14
CA ARG C 96 11.13 -5.00 -21.46
C ARG C 96 10.17 -3.83 -21.30
N LYS C 97 10.30 -3.10 -20.18
CA LYS C 97 9.51 -1.91 -19.85
C LYS C 97 10.46 -0.84 -19.32
N TRP C 98 10.10 0.45 -19.53
CA TRP C 98 10.89 1.58 -19.01
C TRP C 98 10.42 1.99 -17.64
N TYR C 99 11.39 2.21 -16.74
CA TYR C 99 11.14 2.65 -15.36
C TYR C 99 12.03 3.82 -15.04
N LYS C 100 11.48 4.81 -14.35
CA LYS C 100 12.22 6.00 -13.90
C LYS C 100 13.19 5.56 -12.80
N ARG C 101 14.17 6.42 -12.48
N ARG C 101 14.18 6.40 -12.47
CA ARG C 101 15.17 6.22 -11.44
CA ARG C 101 15.17 6.11 -11.42
C ARG C 101 14.51 5.96 -10.09
C ARG C 101 14.48 5.91 -10.07
N MET C 102 13.43 6.70 -9.80
CA MET C 102 12.69 6.59 -8.54
C MET C 102 11.72 5.36 -8.50
N ALA C 103 11.70 4.51 -9.55
CA ALA C 103 10.87 3.28 -9.64
C ALA C 103 11.73 2.00 -9.70
N VAL C 104 13.01 2.12 -9.33
CA VAL C 104 13.96 1.01 -9.38
C VAL C 104 14.72 0.97 -8.09
N ILE C 105 14.66 -0.15 -7.38
CA ILE C 105 15.34 -0.37 -6.09
C ILE C 105 15.92 -1.80 -6.10
N LEU C 106 16.63 -2.20 -5.05
CA LEU C 106 17.16 -3.56 -4.91
C LEU C 106 16.64 -4.08 -3.61
N SER C 107 16.16 -5.32 -3.57
CA SER C 107 15.73 -6.00 -2.34
C SER C 107 17.03 -6.36 -1.55
N LEU C 108 16.88 -6.88 -0.35
CA LEU C 108 18.06 -7.29 0.44
C LEU C 108 18.92 -8.28 -0.31
N GLU C 109 18.31 -9.35 -0.90
CA GLU C 109 19.13 -10.35 -1.56
C GLU C 109 19.71 -9.81 -2.89
N GLN C 110 19.10 -8.77 -3.50
CA GLN C 110 19.57 -8.13 -4.74
C GLN C 110 20.80 -7.25 -4.52
N GLY C 111 20.76 -6.42 -3.50
CA GLY C 111 21.90 -5.61 -3.11
C GLY C 111 23.06 -6.44 -2.61
N ASN C 112 22.75 -7.59 -1.92
CA ASN C 112 23.70 -8.58 -1.40
C ASN C 112 24.57 -9.18 -2.48
N ARG C 113 23.96 -9.43 -3.67
CA ARG C 113 24.63 -9.99 -4.84
C ARG C 113 25.73 -9.10 -5.38
N LEU C 114 25.64 -7.78 -5.18
CA LEU C 114 26.61 -6.81 -5.69
C LEU C 114 27.66 -6.37 -4.67
N ARG C 115 27.53 -6.77 -3.38
CA ARG C 115 28.47 -6.42 -2.30
C ARG C 115 29.94 -6.67 -2.65
N GLU C 116 30.27 -7.90 -3.14
CA GLU C 116 31.65 -8.30 -3.45
C GLU C 116 32.26 -7.42 -4.52
N GLN C 117 31.53 -7.12 -5.60
CA GLN C 117 32.03 -6.32 -6.71
C GLN C 117 31.93 -4.81 -6.48
N TYR C 118 30.88 -4.33 -5.81
CA TYR C 118 30.64 -2.87 -5.70
C TYR C 118 30.62 -2.27 -4.30
N GLY C 119 30.59 -3.11 -3.27
CA GLY C 119 30.52 -2.67 -1.88
C GLY C 119 31.73 -1.88 -1.40
N LEU C 120 31.54 -1.03 -0.38
CA LEU C 120 32.64 -0.23 0.16
C LEU C 120 33.49 -0.93 1.23
N GLY C 121 32.95 -1.16 2.45
CA GLY C 121 33.65 -1.72 3.62
C GLY C 121 34.48 -2.96 3.43
N SER D 3 -14.94 -18.19 16.32
CA SER D 3 -13.56 -18.05 15.86
C SER D 3 -13.30 -16.73 15.17
N PHE D 4 -12.09 -16.14 15.40
CA PHE D 4 -11.68 -14.93 14.69
C PHE D 4 -11.53 -15.20 13.17
N VAL D 5 -11.66 -16.48 12.76
CA VAL D 5 -11.55 -16.94 11.37
C VAL D 5 -12.68 -16.30 10.51
N GLY D 6 -12.25 -15.66 9.41
CA GLY D 6 -13.14 -15.02 8.44
C GLY D 6 -13.34 -13.54 8.65
N LEU D 7 -12.84 -12.99 9.78
CA LEU D 7 -13.00 -11.56 10.04
C LEU D 7 -11.90 -10.77 9.39
N ARG D 8 -12.28 -9.56 8.97
CA ARG D 8 -11.42 -8.58 8.34
C ARG D 8 -10.70 -7.82 9.43
N VAL D 9 -9.38 -7.74 9.27
CA VAL D 9 -8.47 -7.19 10.27
C VAL D 9 -7.43 -6.32 9.60
N VAL D 10 -6.51 -5.76 10.40
CA VAL D 10 -5.33 -5.00 9.99
C VAL D 10 -4.18 -5.73 10.68
N ALA D 11 -3.27 -6.35 9.92
CA ALA D 11 -2.22 -7.11 10.58
C ALA D 11 -0.82 -6.83 10.03
N LYS D 12 0.17 -7.04 10.93
CA LYS D 12 1.56 -6.79 10.68
C LYS D 12 2.17 -7.77 9.71
N TRP D 13 2.93 -7.23 8.73
CA TRP D 13 3.73 -7.97 7.77
C TRP D 13 5.15 -7.89 8.38
N SER D 14 5.69 -9.05 8.78
CA SER D 14 6.96 -9.21 9.50
C SER D 14 8.17 -8.49 8.88
N SER D 15 8.35 -8.55 7.55
CA SER D 15 9.53 -7.99 6.88
C SER D 15 9.65 -6.44 6.95
N ASN D 16 8.59 -5.68 7.34
CA ASN D 16 8.75 -4.21 7.35
C ASN D 16 8.09 -3.46 8.54
N GLY D 17 7.37 -4.16 9.42
CA GLY D 17 6.76 -3.54 10.58
C GLY D 17 5.42 -2.87 10.34
N TYR D 18 5.04 -2.69 9.07
CA TYR D 18 3.76 -2.10 8.68
C TYR D 18 2.60 -3.07 8.81
N PHE D 19 1.40 -2.52 9.14
CA PHE D 19 0.14 -3.25 9.30
C PHE D 19 -0.75 -3.01 8.08
N TYR D 20 -1.35 -4.07 7.54
CA TYR D 20 -2.16 -3.99 6.31
C TYR D 20 -3.47 -4.71 6.48
N SER D 21 -4.52 -4.20 5.81
CA SER D 21 -5.83 -4.81 5.84
C SER D 21 -5.80 -6.15 5.14
N GLY D 22 -6.57 -7.07 5.68
CA GLY D 22 -6.71 -8.43 5.19
C GLY D 22 -7.75 -9.17 5.98
N LYS D 23 -7.78 -10.50 5.84
CA LYS D 23 -8.77 -11.37 6.47
C LYS D 23 -8.08 -12.58 7.10
N ILE D 24 -8.55 -13.03 8.27
CA ILE D 24 -8.02 -14.24 8.91
C ILE D 24 -8.68 -15.40 8.15
N THR D 25 -7.88 -16.30 7.58
CA THR D 25 -8.43 -17.43 6.81
C THR D 25 -8.37 -18.73 7.59
N ARG D 26 -7.44 -18.83 8.56
CA ARG D 26 -7.23 -20.03 9.36
C ARG D 26 -6.62 -19.74 10.72
N ASP D 27 -6.94 -20.60 11.70
CA ASP D 27 -6.32 -20.62 13.02
C ASP D 27 -5.27 -21.71 12.83
N VAL D 28 -3.98 -21.34 12.81
CA VAL D 28 -2.91 -22.31 12.55
C VAL D 28 -2.31 -22.85 13.89
N GLY D 29 -2.84 -22.38 15.02
CA GLY D 29 -2.38 -22.76 16.36
C GLY D 29 -1.15 -21.98 16.77
N ALA D 30 -0.56 -22.32 17.96
CA ALA D 30 0.66 -21.70 18.55
C ALA D 30 0.57 -20.13 18.63
N GLY D 31 -0.66 -19.64 18.84
CA GLY D 31 -1.03 -18.22 18.92
C GLY D 31 -1.00 -17.46 17.60
N LYS D 32 -0.90 -18.21 16.49
CA LYS D 32 -0.78 -17.69 15.12
C LYS D 32 -2.03 -17.93 14.26
N TYR D 33 -2.23 -17.08 13.26
CA TYR D 33 -3.34 -17.11 12.31
C TYR D 33 -2.84 -16.94 10.89
N LYS D 34 -3.53 -17.57 9.92
CA LYS D 34 -3.17 -17.40 8.52
C LYS D 34 -3.94 -16.19 8.05
N LEU D 35 -3.23 -15.27 7.40
CA LEU D 35 -3.85 -14.05 6.92
C LEU D 35 -3.80 -13.95 5.40
N LEU D 36 -4.94 -13.62 4.78
CA LEU D 36 -4.99 -13.35 3.35
C LEU D 36 -5.10 -11.85 3.29
N PHE D 37 -4.00 -11.20 2.85
CA PHE D 37 -3.97 -9.75 2.75
C PHE D 37 -4.70 -9.30 1.51
N ASP D 38 -5.21 -8.06 1.51
CA ASP D 38 -6.00 -7.50 0.39
C ASP D 38 -5.21 -7.39 -0.90
N ASP D 39 -3.84 -7.46 -0.83
CA ASP D 39 -2.99 -7.44 -2.02
C ASP D 39 -2.71 -8.86 -2.54
N GLY D 40 -3.29 -9.86 -1.87
CA GLY D 40 -3.14 -11.27 -2.26
C GLY D 40 -2.03 -12.04 -1.57
N TYR D 41 -1.21 -11.34 -0.74
CA TYR D 41 -0.13 -11.99 -0.01
C TYR D 41 -0.66 -12.73 1.17
N GLU D 42 0.01 -13.82 1.51
CA GLU D 42 -0.36 -14.68 2.61
C GLU D 42 0.83 -14.97 3.48
N CYS D 43 0.60 -15.07 4.80
CA CYS D 43 1.60 -15.43 5.81
C CYS D 43 0.91 -15.71 7.16
N ASP D 44 1.67 -16.30 8.09
CA ASP D 44 1.20 -16.57 9.45
C ASP D 44 1.55 -15.34 10.30
N VAL D 45 0.59 -14.83 11.06
CA VAL D 45 0.78 -13.65 11.91
C VAL D 45 0.32 -14.01 13.34
N LEU D 46 1.06 -13.56 14.35
CA LEU D 46 0.71 -13.76 15.76
C LEU D 46 -0.50 -12.89 16.12
N GLY D 47 -1.39 -13.42 16.97
CA GLY D 47 -2.59 -12.72 17.42
C GLY D 47 -2.35 -11.31 17.95
N LYS D 48 -1.21 -11.11 18.63
CA LYS D 48 -0.77 -9.83 19.22
C LYS D 48 -0.48 -8.79 18.13
N ASP D 49 -0.19 -9.24 16.89
CA ASP D 49 0.10 -8.41 15.72
C ASP D 49 -1.10 -8.29 14.74
N ILE D 50 -2.32 -8.65 15.16
CA ILE D 50 -3.55 -8.57 14.35
C ILE D 50 -4.49 -7.58 15.07
N LEU D 51 -4.86 -6.49 14.38
CA LEU D 51 -5.74 -5.42 14.89
C LEU D 51 -7.16 -5.62 14.39
N LEU D 52 -8.07 -6.02 15.30
CA LEU D 52 -9.45 -6.34 14.98
C LEU D 52 -10.28 -5.07 14.72
N CYS D 53 -10.14 -4.51 13.51
CA CYS D 53 -10.86 -3.31 13.10
C CYS D 53 -10.92 -3.18 11.58
N ASP D 54 -12.15 -3.14 11.06
CA ASP D 54 -12.45 -2.92 9.64
C ASP D 54 -13.73 -2.11 9.57
N PRO D 55 -13.68 -0.83 9.12
CA PRO D 55 -12.52 -0.11 8.58
C PRO D 55 -11.58 0.40 9.68
N ILE D 56 -10.44 1.00 9.28
CA ILE D 56 -9.53 1.60 10.27
C ILE D 56 -10.36 2.69 10.97
N PRO D 57 -10.44 2.72 12.33
CA PRO D 57 -11.38 3.66 12.98
C PRO D 57 -11.09 5.13 12.76
N LEU D 58 -12.13 5.97 12.95
CA LEU D 58 -12.00 7.42 12.86
C LEU D 58 -11.06 7.91 13.96
N ASP D 59 -10.26 8.95 13.65
CA ASP D 59 -9.26 9.62 14.48
C ASP D 59 -7.98 8.79 14.63
N THR D 60 -7.82 7.69 13.84
CA THR D 60 -6.61 6.89 13.87
C THR D 60 -5.58 7.59 13.01
N GLU D 61 -4.34 7.67 13.51
CA GLU D 61 -3.21 8.18 12.76
C GLU D 61 -2.72 7.00 11.89
N VAL D 62 -2.68 7.25 10.57
CA VAL D 62 -2.35 6.27 9.54
C VAL D 62 -1.24 6.78 8.62
N THR D 63 -0.81 5.93 7.69
CA THR D 63 0.17 6.26 6.64
C THR D 63 -0.61 6.21 5.32
N ALA D 64 -0.70 7.36 4.67
CA ALA D 64 -1.42 7.51 3.43
C ALA D 64 -0.40 7.46 2.26
N LEU D 65 -0.62 6.57 1.27
CA LEU D 65 0.24 6.42 0.08
C LEU D 65 -0.33 7.22 -1.13
N SER D 66 0.49 8.13 -1.65
CA SER D 66 0.15 8.95 -2.78
C SER D 66 0.77 8.34 -4.02
N GLU D 67 0.76 9.10 -5.12
CA GLU D 67 1.36 8.73 -6.40
C GLU D 67 2.87 8.90 -6.31
N ASP D 68 3.62 8.20 -7.19
CA ASP D 68 5.08 8.22 -7.32
C ASP D 68 5.78 7.78 -5.98
N GLU D 69 5.19 6.77 -5.30
CA GLU D 69 5.62 6.10 -4.06
C GLU D 69 5.70 7.02 -2.81
N TYR D 70 5.29 8.32 -2.90
CA TYR D 70 5.28 9.26 -1.78
C TYR D 70 4.27 8.80 -0.75
N PHE D 71 4.63 8.92 0.54
CA PHE D 71 3.80 8.53 1.69
C PHE D 71 4.00 9.54 2.82
N SER D 72 2.98 9.70 3.66
CA SER D 72 3.00 10.62 4.79
C SER D 72 1.97 10.19 5.85
N ALA D 73 2.15 10.69 7.06
CA ALA D 73 1.25 10.48 8.18
C ALA D 73 0.03 11.40 8.06
N GLY D 74 -1.11 10.91 8.51
CA GLY D 74 -2.36 11.65 8.52
C GLY D 74 -3.35 11.03 9.47
N VAL D 75 -4.49 11.68 9.68
CA VAL D 75 -5.54 11.19 10.59
C VAL D 75 -6.84 10.92 9.82
N VAL D 76 -7.43 9.72 10.03
CA VAL D 76 -8.72 9.31 9.43
C VAL D 76 -9.82 10.19 10.03
N LYS D 77 -10.51 10.96 9.20
CA LYS D 77 -11.57 11.84 9.61
C LYS D 77 -12.87 11.49 8.89
N GLY D 78 -12.85 10.47 8.06
CA GLY D 78 -14.04 10.04 7.32
C GLY D 78 -13.93 8.68 6.66
N HIS D 79 -15.08 8.04 6.44
CA HIS D 79 -15.22 6.75 5.74
C HIS D 79 -16.30 6.95 4.69
N ARG D 80 -16.07 6.48 3.44
CA ARG D 80 -17.07 6.58 2.39
C ARG D 80 -17.12 5.32 1.55
N LYS D 81 -18.32 4.85 1.24
CA LYS D 81 -18.56 3.70 0.39
C LYS D 81 -19.09 4.27 -0.92
N GLU D 82 -18.43 3.94 -2.05
CA GLU D 82 -18.81 4.41 -3.40
C GLU D 82 -18.53 3.30 -4.39
N SER D 83 -19.57 2.89 -5.16
CA SER D 83 -19.52 1.79 -6.15
C SER D 83 -18.99 0.48 -5.50
N GLY D 84 -19.35 0.29 -4.21
CA GLY D 84 -18.96 -0.86 -3.41
C GLY D 84 -17.53 -0.86 -2.91
N GLU D 85 -16.82 0.29 -3.04
CA GLU D 85 -15.44 0.45 -2.60
C GLU D 85 -15.31 1.38 -1.39
N LEU D 86 -14.34 1.12 -0.51
CA LEU D 86 -14.11 1.95 0.67
C LEU D 86 -13.06 3.02 0.40
N TYR D 87 -13.33 4.23 0.90
CA TYR D 87 -12.44 5.37 0.82
C TYR D 87 -12.28 5.98 2.21
N TYR D 88 -11.08 6.49 2.49
CA TYR D 88 -10.76 7.15 3.75
C TYR D 88 -10.46 8.62 3.48
N SER D 89 -11.07 9.52 4.26
CA SER D 89 -10.75 10.94 4.16
C SER D 89 -9.65 11.08 5.24
N ILE D 90 -8.48 11.56 4.81
CA ILE D 90 -7.31 11.67 5.68
C ILE D 90 -6.89 13.14 5.81
N GLU D 91 -6.82 13.62 7.06
CA GLU D 91 -6.45 14.99 7.35
C GLU D 91 -4.96 15.14 7.63
N LYS D 92 -4.35 16.11 6.97
CA LYS D 92 -2.94 16.48 7.10
C LYS D 92 -2.84 18.00 6.96
N GLU D 93 -2.34 18.67 8.03
CA GLU D 93 -2.17 20.13 8.11
C GLU D 93 -3.49 20.85 7.80
N GLY D 94 -4.55 20.43 8.49
CA GLY D 94 -5.89 21.03 8.36
C GLY D 94 -6.62 20.83 7.04
N GLN D 95 -6.08 20.00 6.13
CA GLN D 95 -6.68 19.70 4.82
C GLN D 95 -6.94 18.19 4.71
N ARG D 96 -8.03 17.79 4.02
CA ARG D 96 -8.43 16.40 3.84
C ARG D 96 -8.38 15.97 2.40
N LYS D 97 -7.91 14.72 2.19
CA LYS D 97 -7.80 14.08 0.87
C LYS D 97 -8.41 12.69 0.98
N TRP D 98 -8.99 12.19 -0.12
CA TRP D 98 -9.55 10.85 -0.17
C TRP D 98 -8.51 9.85 -0.63
N TYR D 99 -8.46 8.72 0.04
CA TYR D 99 -7.54 7.62 -0.28
C TYR D 99 -8.34 6.32 -0.32
N LYS D 100 -8.04 5.47 -1.30
CA LYS D 100 -8.64 4.15 -1.45
C LYS D 100 -8.13 3.27 -0.31
N ARG D 101 -8.83 2.14 -0.03
CA ARG D 101 -8.46 1.18 1.00
C ARG D 101 -7.00 0.68 0.80
N MET D 102 -6.59 0.48 -0.46
CA MET D 102 -5.27 -0.04 -0.81
C MET D 102 -4.15 1.06 -0.74
N ALA D 103 -4.51 2.31 -0.34
CA ALA D 103 -3.59 3.45 -0.19
C ALA D 103 -3.47 3.92 1.29
N VAL D 104 -3.95 3.09 2.22
CA VAL D 104 -3.94 3.39 3.64
C VAL D 104 -3.40 2.19 4.39
N ILE D 105 -2.34 2.42 5.17
CA ILE D 105 -1.68 1.40 6.00
C ILE D 105 -1.31 2.01 7.35
N LEU D 106 -0.73 1.23 8.23
CA LEU D 106 -0.24 1.70 9.53
C LEU D 106 1.24 1.33 9.66
N SER D 107 2.07 2.28 10.13
CA SER D 107 3.48 2.07 10.45
C SER D 107 3.49 1.34 11.76
N LEU D 108 4.63 0.68 12.10
CA LEU D 108 4.82 -0.06 13.35
C LEU D 108 4.33 0.73 14.58
N GLU D 109 4.75 2.01 14.72
CA GLU D 109 4.36 2.90 15.82
C GLU D 109 2.83 3.18 15.82
N GLN D 110 2.24 3.39 14.63
CA GLN D 110 0.79 3.65 14.49
C GLN D 110 -0.08 2.44 14.86
N GLY D 111 0.36 1.24 14.47
CA GLY D 111 -0.32 -0.02 14.77
C GLY D 111 -0.19 -0.37 16.24
N ASN D 112 1.00 -0.08 16.85
CA ASN D 112 1.30 -0.30 18.27
C ASN D 112 0.34 0.46 19.14
N ARG D 113 -0.06 1.67 18.70
CA ARG D 113 -1.01 2.56 19.38
C ARG D 113 -2.43 1.96 19.51
N LEU D 114 -2.79 1.01 18.63
CA LEU D 114 -4.11 0.37 18.63
C LEU D 114 -4.13 -0.98 19.32
N ARG D 115 -2.93 -1.59 19.62
CA ARG D 115 -2.79 -2.91 20.25
C ARG D 115 -3.65 -3.11 21.49
N GLU D 116 -3.62 -2.16 22.44
CA GLU D 116 -4.33 -2.28 23.72
C GLU D 116 -5.86 -2.34 23.50
N GLN D 117 -6.40 -1.51 22.63
CA GLN D 117 -7.85 -1.49 22.39
C GLN D 117 -8.33 -2.52 21.35
N TYR D 118 -7.53 -2.82 20.32
CA TYR D 118 -7.98 -3.67 19.20
C TYR D 118 -7.20 -4.98 18.93
N GLY D 119 -6.02 -5.17 19.52
CA GLY D 119 -5.20 -6.36 19.27
C GLY D 119 -5.78 -7.65 19.82
N LEU D 120 -5.60 -8.81 19.11
CA LEU D 120 -6.17 -10.10 19.57
C LEU D 120 -5.45 -10.62 20.85
N GLY D 121 -4.15 -10.91 20.76
CA GLY D 121 -3.35 -11.40 21.89
C GLY D 121 -3.84 -12.68 22.53
N SER E 3 -36.85 28.44 5.87
CA SER E 3 -35.58 28.01 5.28
C SER E 3 -34.65 29.18 4.97
N PHE E 4 -33.33 28.94 5.11
CA PHE E 4 -32.31 29.95 4.86
C PHE E 4 -31.75 29.84 3.42
N VAL E 5 -32.22 28.85 2.65
CA VAL E 5 -31.77 28.59 1.27
C VAL E 5 -32.14 29.76 0.36
N GLY E 6 -31.14 30.26 -0.38
CA GLY E 6 -31.25 31.35 -1.34
C GLY E 6 -30.90 32.71 -0.77
N LEU E 7 -30.72 32.77 0.56
CA LEU E 7 -30.41 34.01 1.24
C LEU E 7 -28.93 34.32 1.20
N ARG E 8 -28.62 35.62 1.02
CA ARG E 8 -27.27 36.15 0.99
C ARG E 8 -26.78 36.31 2.41
N VAL E 9 -25.57 35.83 2.66
CA VAL E 9 -24.97 35.76 4.00
C VAL E 9 -23.52 36.17 3.96
N VAL E 10 -22.86 36.13 5.12
CA VAL E 10 -21.42 36.37 5.31
C VAL E 10 -20.96 35.12 6.08
N ALA E 11 -19.98 34.36 5.55
CA ALA E 11 -19.57 33.11 6.19
C ALA E 11 -18.08 32.75 6.08
N LYS E 12 -17.60 32.08 7.14
CA LYS E 12 -16.25 31.58 7.35
C LYS E 12 -15.80 30.60 6.26
N TRP E 13 -14.53 30.78 5.79
CA TRP E 13 -13.79 29.92 4.87
C TRP E 13 -12.81 29.29 5.87
N SER E 14 -13.05 28.01 6.21
CA SER E 14 -12.33 27.23 7.22
C SER E 14 -10.82 27.53 7.33
N SER E 15 -10.07 27.29 6.25
CA SER E 15 -8.61 27.41 6.14
C SER E 15 -7.97 28.73 6.68
N ASN E 16 -8.72 29.85 6.86
CA ASN E 16 -8.11 31.12 7.31
C ASN E 16 -8.92 31.93 8.38
N GLY E 17 -10.13 31.49 8.74
CA GLY E 17 -10.98 32.14 9.74
C GLY E 17 -11.72 33.40 9.31
N TYR E 18 -11.39 33.94 8.12
CA TYR E 18 -12.05 35.13 7.55
C TYR E 18 -13.49 34.79 7.06
N PHE E 19 -14.43 35.73 7.22
CA PHE E 19 -15.82 35.57 6.80
C PHE E 19 -16.02 36.31 5.48
N TYR E 20 -16.71 35.68 4.51
CA TYR E 20 -16.91 36.22 3.16
C TYR E 20 -18.35 36.19 2.74
N SER E 21 -18.77 37.19 1.95
CA SER E 21 -20.14 37.25 1.44
C SER E 21 -20.37 36.16 0.41
N GLY E 22 -21.58 35.66 0.42
CA GLY E 22 -22.02 34.58 -0.46
C GLY E 22 -23.49 34.31 -0.29
N LYS E 23 -23.95 33.18 -0.82
CA LYS E 23 -25.36 32.77 -0.78
C LYS E 23 -25.46 31.32 -0.35
N ILE E 24 -26.50 30.97 0.43
CA ILE E 24 -26.79 29.59 0.80
C ILE E 24 -27.51 29.00 -0.42
N THR E 25 -26.97 27.92 -1.01
CA THR E 25 -27.60 27.33 -2.20
C THR E 25 -28.39 26.05 -1.85
N ARG E 26 -28.04 25.38 -0.73
CA ARG E 26 -28.65 24.13 -0.32
C ARG E 26 -28.54 23.91 1.19
N ASP E 27 -29.53 23.16 1.73
CA ASP E 27 -29.53 22.70 3.10
C ASP E 27 -29.03 21.27 2.92
N VAL E 28 -27.81 20.98 3.37
CA VAL E 28 -27.22 19.64 3.19
C VAL E 28 -27.41 18.76 4.46
N GLY E 29 -28.28 19.18 5.36
CA GLY E 29 -28.58 18.51 6.62
C GLY E 29 -27.56 18.72 7.70
N ALA E 30 -27.92 18.21 8.89
CA ALA E 30 -27.17 18.15 10.14
C ALA E 30 -26.59 19.51 10.58
N GLY E 31 -27.26 20.60 10.24
CA GLY E 31 -26.82 21.94 10.61
C GLY E 31 -25.72 22.52 9.74
N LYS E 32 -25.55 21.92 8.54
CA LYS E 32 -24.57 22.34 7.52
C LYS E 32 -25.35 22.82 6.27
N TYR E 33 -24.77 23.78 5.53
CA TYR E 33 -25.36 24.38 4.32
C TYR E 33 -24.35 24.47 3.19
N LYS E 34 -24.81 24.38 1.94
CA LYS E 34 -23.92 24.56 0.80
C LYS E 34 -23.88 26.04 0.53
N LEU E 35 -22.66 26.56 0.35
CA LEU E 35 -22.47 27.98 0.15
C LEU E 35 -21.85 28.27 -1.20
N LEU E 36 -22.39 29.30 -1.88
CA LEU E 36 -21.88 29.85 -3.13
C LEU E 36 -21.30 31.18 -2.76
N PHE E 37 -19.97 31.25 -2.69
CA PHE E 37 -19.31 32.47 -2.32
C PHE E 37 -19.26 33.33 -3.55
N ASP E 38 -19.26 34.67 -3.33
CA ASP E 38 -19.24 35.67 -4.38
C ASP E 38 -18.00 35.58 -5.31
N ASP E 39 -16.92 34.92 -4.86
CA ASP E 39 -15.73 34.70 -5.69
C ASP E 39 -15.87 33.42 -6.54
N GLY E 40 -17.00 32.71 -6.39
CA GLY E 40 -17.31 31.50 -7.14
C GLY E 40 -16.97 30.21 -6.44
N TYR E 41 -16.35 30.29 -5.24
CA TYR E 41 -15.97 29.10 -4.50
C TYR E 41 -17.17 28.51 -3.82
N GLU E 42 -17.20 27.18 -3.71
CA GLU E 42 -18.28 26.42 -3.12
C GLU E 42 -17.72 25.45 -2.09
N CYS E 43 -18.46 25.25 -0.99
CA CYS E 43 -18.16 24.32 0.09
C CYS E 43 -19.32 24.26 1.08
N ASP E 44 -19.28 23.27 1.98
CA ASP E 44 -20.26 23.10 3.04
C ASP E 44 -19.79 23.89 4.26
N VAL E 45 -20.67 24.69 4.86
CA VAL E 45 -20.37 25.51 6.02
C VAL E 45 -21.41 25.24 7.10
N LEU E 46 -20.97 25.20 8.37
CA LEU E 46 -21.86 25.02 9.51
C LEU E 46 -22.63 26.30 9.77
N GLY E 47 -23.91 26.17 10.15
CA GLY E 47 -24.79 27.29 10.45
C GLY E 47 -24.23 28.30 11.43
N LYS E 48 -23.44 27.83 12.43
CA LYS E 48 -22.78 28.65 13.46
C LYS E 48 -21.73 29.60 12.84
N ASP E 49 -21.19 29.22 11.65
CA ASP E 49 -20.19 30.00 10.89
C ASP E 49 -20.82 30.83 9.75
N ILE E 50 -22.15 31.06 9.82
CA ILE E 50 -22.89 31.82 8.81
C ILE E 50 -23.58 32.99 9.50
N LEU E 51 -23.36 34.20 8.97
CA LEU E 51 -23.97 35.43 9.47
C LEU E 51 -25.04 35.85 8.47
N LEU E 52 -26.28 35.97 8.95
CA LEU E 52 -27.43 36.31 8.15
C LEU E 52 -27.55 37.85 8.03
N CYS E 53 -26.65 38.46 7.24
CA CYS E 53 -26.69 39.89 6.99
C CYS E 53 -26.12 40.22 5.63
N ASP E 54 -26.94 40.89 4.84
CA ASP E 54 -26.62 41.42 3.53
C ASP E 54 -27.43 42.69 3.35
N PRO E 55 -26.77 43.87 3.32
CA PRO E 55 -25.31 44.08 3.37
C PRO E 55 -24.74 43.97 4.79
N ILE E 56 -23.39 44.05 4.93
CA ILE E 56 -22.77 44.06 6.26
C ILE E 56 -23.34 45.34 6.92
N PRO E 57 -23.93 45.25 8.13
CA PRO E 57 -24.61 46.43 8.72
C PRO E 57 -23.73 47.65 8.98
N LEU E 58 -24.38 48.83 9.08
CA LEU E 58 -23.68 50.08 9.40
C LEU E 58 -23.11 49.98 10.82
N ASP E 59 -21.95 50.60 11.05
CA ASP E 59 -21.17 50.65 12.27
C ASP E 59 -20.44 49.31 12.57
N THR E 60 -20.42 48.36 11.58
CA THR E 60 -19.70 47.10 11.74
C THR E 60 -18.24 47.37 11.42
N GLU E 61 -17.36 46.84 12.27
CA GLU E 61 -15.93 46.87 12.03
C GLU E 61 -15.61 45.73 11.08
N VAL E 62 -14.99 46.06 9.95
CA VAL E 62 -14.66 45.15 8.84
C VAL E 62 -13.18 45.23 8.47
N THR E 63 -12.75 44.40 7.51
CA THR E 63 -11.40 44.41 6.95
C THR E 63 -11.57 44.84 5.48
N ALA E 64 -11.00 46.00 5.16
CA ALA E 64 -11.09 46.59 3.84
C ALA E 64 -9.84 46.26 3.04
N LEU E 65 -10.03 45.76 1.82
CA LEU E 65 -8.97 45.31 0.94
C LEU E 65 -8.65 46.36 -0.11
N SER E 66 -7.38 46.82 -0.14
CA SER E 66 -6.92 47.84 -1.08
C SER E 66 -6.06 47.19 -2.16
N GLU E 67 -5.40 48.05 -2.95
CA GLU E 67 -4.47 47.67 -4.02
C GLU E 67 -3.15 47.20 -3.42
N ASP E 68 -2.39 46.39 -4.19
CA ASP E 68 -1.08 45.84 -3.87
C ASP E 68 -1.09 45.01 -2.53
N GLU E 69 -2.21 44.24 -2.32
CA GLU E 69 -2.48 43.29 -1.22
C GLU E 69 -2.62 43.95 0.18
N TYR E 70 -2.59 45.29 0.28
CA TYR E 70 -2.76 46.00 1.54
C TYR E 70 -4.19 45.82 2.05
N PHE E 71 -4.33 45.62 3.37
CA PHE E 71 -5.62 45.47 4.05
C PHE E 71 -5.54 46.15 5.42
N SER E 72 -6.68 46.66 5.92
CA SER E 72 -6.76 47.35 7.19
C SER E 72 -8.17 47.26 7.76
N ALA E 73 -8.31 47.50 9.08
CA ALA E 73 -9.58 47.53 9.79
C ALA E 73 -10.23 48.90 9.56
N GLY E 74 -11.55 48.90 9.50
CA GLY E 74 -12.34 50.10 9.29
C GLY E 74 -13.78 49.86 9.69
N VAL E 75 -14.59 50.93 9.72
CA VAL E 75 -15.99 50.83 10.14
C VAL E 75 -16.90 51.25 8.98
N VAL E 76 -17.95 50.45 8.71
CA VAL E 76 -18.94 50.71 7.68
C VAL E 76 -19.77 51.92 8.14
N LYS E 77 -19.75 53.00 7.36
CA LYS E 77 -20.51 54.21 7.67
C LYS E 77 -21.49 54.53 6.55
N GLY E 78 -21.49 53.71 5.50
CA GLY E 78 -22.37 53.91 4.35
C GLY E 78 -22.53 52.71 3.45
N HIS E 79 -23.66 52.66 2.73
CA HIS E 79 -24.02 51.66 1.75
C HIS E 79 -24.48 52.43 0.52
N ARG E 80 -24.00 52.07 -0.69
CA ARG E 80 -24.43 52.73 -1.93
C ARG E 80 -24.67 51.71 -3.02
N LYS E 81 -25.80 51.87 -3.72
CA LYS E 81 -26.15 51.04 -4.87
C LYS E 81 -25.92 51.91 -6.13
N GLU E 82 -25.14 51.39 -7.10
CA GLU E 82 -24.82 52.10 -8.35
C GLU E 82 -24.64 51.08 -9.46
N SER E 83 -25.44 51.21 -10.55
CA SER E 83 -25.49 50.28 -11.71
C SER E 83 -25.76 48.83 -11.22
N GLY E 84 -26.56 48.71 -10.17
CA GLY E 84 -26.94 47.43 -9.55
C GLY E 84 -25.87 46.78 -8.69
N GLU E 85 -24.79 47.53 -8.36
CA GLU E 85 -23.68 47.04 -7.53
C GLU E 85 -23.63 47.71 -6.17
N LEU E 86 -23.14 47.00 -5.16
CA LEU E 86 -23.01 47.50 -3.80
C LEU E 86 -21.61 48.02 -3.50
N TYR E 87 -21.58 49.17 -2.82
CA TYR E 87 -20.40 49.90 -2.38
C TYR E 87 -20.50 50.19 -0.88
N TYR E 88 -19.38 49.97 -0.15
CA TYR E 88 -19.30 50.29 1.27
C TYR E 88 -18.46 51.54 1.48
N SER E 89 -18.99 52.51 2.26
CA SER E 89 -18.19 53.66 2.69
C SER E 89 -17.51 53.18 3.99
N ILE E 90 -16.18 53.13 4.02
CA ILE E 90 -15.48 52.62 5.19
C ILE E 90 -14.66 53.75 5.83
N GLU E 91 -14.89 53.99 7.13
CA GLU E 91 -14.18 55.03 7.87
C GLU E 91 -12.97 54.47 8.61
N LYS E 92 -11.83 55.14 8.42
CA LYS E 92 -10.56 54.82 9.06
C LYS E 92 -9.86 56.11 9.38
N GLU E 93 -9.65 56.35 10.70
CA GLU E 93 -8.97 57.54 11.25
C GLU E 93 -9.59 58.81 10.70
N GLY E 94 -10.91 58.92 10.91
CA GLY E 94 -11.73 60.08 10.52
C GLY E 94 -11.93 60.34 9.05
N GLN E 95 -11.48 59.44 8.16
CA GLN E 95 -11.65 59.60 6.71
C GLN E 95 -12.38 58.39 6.13
N ARG E 96 -13.19 58.62 5.08
CA ARG E 96 -13.98 57.58 4.43
C ARG E 96 -13.57 57.32 2.99
N LYS E 97 -13.55 56.04 2.59
CA LYS E 97 -13.20 55.56 1.25
C LYS E 97 -14.27 54.56 0.81
N TRP E 98 -14.51 54.47 -0.50
CA TRP E 98 -15.48 53.52 -1.05
C TRP E 98 -14.78 52.21 -1.40
N TYR E 99 -15.41 51.09 -1.05
CA TYR E 99 -14.91 49.76 -1.37
C TYR E 99 -16.05 48.95 -1.98
N LYS E 100 -15.73 48.13 -2.97
CA LYS E 100 -16.68 47.23 -3.62
C LYS E 100 -16.98 46.11 -2.63
N ARG E 101 -18.06 45.36 -2.87
CA ARG E 101 -18.49 44.23 -2.07
C ARG E 101 -17.33 43.16 -1.94
N MET E 102 -16.59 42.94 -3.04
CA MET E 102 -15.49 41.98 -3.10
C MET E 102 -14.18 42.47 -2.41
N ALA E 103 -14.18 43.70 -1.85
CA ALA E 103 -13.03 44.30 -1.17
C ALA E 103 -13.33 44.48 0.34
N VAL E 104 -14.37 43.82 0.84
CA VAL E 104 -14.81 43.93 2.23
C VAL E 104 -15.05 42.54 2.78
N ILE E 105 -14.32 42.18 3.83
CA ILE E 105 -14.43 40.89 4.53
C ILE E 105 -14.43 41.16 6.05
N LEU E 106 -14.59 40.09 6.85
CA LEU E 106 -14.53 40.15 8.32
C LEU E 106 -13.47 39.16 8.81
N SER E 107 -12.68 39.60 9.80
CA SER E 107 -11.68 38.74 10.42
C SER E 107 -12.41 37.82 11.37
N LEU E 108 -11.71 36.79 11.89
CA LEU E 108 -12.34 35.88 12.84
C LEU E 108 -12.99 36.63 13.99
N GLU E 109 -12.26 37.58 14.60
CA GLU E 109 -12.75 38.39 15.72
C GLU E 109 -13.91 39.29 15.33
N GLN E 110 -13.86 39.91 14.12
CA GLN E 110 -14.92 40.80 13.64
C GLN E 110 -16.24 40.06 13.37
N GLY E 111 -16.14 38.84 12.82
CA GLY E 111 -17.28 37.97 12.51
C GLY E 111 -17.90 37.40 13.77
N ASN E 112 -17.03 37.05 14.75
CA ASN E 112 -17.42 36.54 16.07
C ASN E 112 -18.31 37.53 16.80
N ARG E 113 -18.05 38.83 16.62
CA ARG E 113 -18.79 39.94 17.22
C ARG E 113 -20.24 40.02 16.74
N LEU E 114 -20.54 39.47 15.55
CA LEU E 114 -21.88 39.49 14.98
C LEU E 114 -22.65 38.19 15.20
N ARG E 115 -21.99 37.10 15.68
CA ARG E 115 -22.59 35.76 15.88
C ARG E 115 -23.88 35.78 16.67
N GLU E 116 -23.89 36.46 17.83
CA GLU E 116 -25.04 36.50 18.73
C GLU E 116 -26.28 37.11 18.04
N GLN E 117 -26.11 38.24 17.34
CA GLN E 117 -27.19 38.94 16.69
C GLN E 117 -27.56 38.37 15.31
N TYR E 118 -26.56 37.91 14.51
CA TYR E 118 -26.80 37.51 13.12
C TYR E 118 -26.51 36.04 12.75
N GLY E 119 -25.87 35.26 13.63
CA GLY E 119 -25.50 33.87 13.35
C GLY E 119 -26.69 32.95 13.18
N LEU E 120 -26.51 31.79 12.46
CA LEU E 120 -27.63 30.85 12.30
C LEU E 120 -27.69 29.84 13.45
N SER F 3 25.26 28.67 11.17
CA SER F 3 23.98 29.22 11.64
C SER F 3 23.13 29.74 10.49
N PHE F 4 21.80 29.63 10.65
CA PHE F 4 20.83 30.11 9.67
C PHE F 4 20.32 31.52 10.01
N VAL F 5 20.72 32.08 11.15
CA VAL F 5 20.31 33.41 11.62
C VAL F 5 20.87 34.49 10.69
N GLY F 6 19.97 35.36 10.21
CA GLY F 6 20.28 36.47 9.32
C GLY F 6 20.07 36.16 7.85
N LEU F 7 19.82 34.87 7.54
CA LEU F 7 19.60 34.42 6.17
C LEU F 7 18.16 34.69 5.73
N ARG F 8 18.02 35.09 4.46
CA ARG F 8 16.73 35.36 3.83
C ARG F 8 16.16 34.03 3.34
N VAL F 9 14.90 33.79 3.64
CA VAL F 9 14.21 32.52 3.39
C VAL F 9 12.82 32.74 2.85
N VAL F 10 12.11 31.64 2.54
CA VAL F 10 10.68 31.65 2.16
C VAL F 10 10.07 30.71 3.23
N ALA F 11 9.20 31.24 4.11
CA ALA F 11 8.64 30.44 5.19
C ALA F 11 7.11 30.46 5.25
N LYS F 12 6.59 29.34 5.75
CA LYS F 12 5.16 29.15 5.92
C LYS F 12 4.59 30.01 7.04
N TRP F 13 3.45 30.63 6.76
CA TRP F 13 2.66 31.38 7.73
C TRP F 13 1.56 30.38 8.07
N SER F 14 1.56 29.94 9.34
CA SER F 14 0.70 28.86 9.84
C SER F 14 -0.80 29.03 9.55
N SER F 15 -1.35 30.25 9.70
CA SER F 15 -2.79 30.49 9.54
C SER F 15 -3.35 30.24 8.10
N ASN F 16 -2.51 30.06 7.04
CA ASN F 16 -3.09 29.83 5.70
C ASN F 16 -2.31 28.81 4.78
N GLY F 17 -1.16 28.30 5.21
CA GLY F 17 -0.40 27.32 4.44
C GLY F 17 0.51 27.88 3.35
N TYR F 18 0.37 29.17 3.07
CA TYR F 18 1.19 29.87 2.10
C TYR F 18 2.57 30.20 2.68
N PHE F 19 3.59 30.21 1.79
CA PHE F 19 5.00 30.50 2.09
C PHE F 19 5.33 31.91 1.60
N TYR F 20 5.99 32.70 2.45
CA TYR F 20 6.30 34.10 2.17
C TYR F 20 7.77 34.40 2.42
N SER F 21 8.40 35.22 1.57
CA SER F 21 9.81 35.62 1.71
C SER F 21 9.97 36.54 2.95
N GLY F 22 11.00 36.27 3.77
CA GLY F 22 11.36 36.93 5.02
C GLY F 22 12.79 36.60 5.42
N LYS F 23 13.17 36.90 6.68
CA LYS F 23 14.53 36.66 7.20
C LYS F 23 14.45 35.98 8.55
N ILE F 24 15.41 35.05 8.83
CA ILE F 24 15.53 34.42 10.15
C ILE F 24 16.23 35.46 11.03
N THR F 25 15.59 35.87 12.13
CA THR F 25 16.19 36.89 13.01
C THR F 25 16.79 36.27 14.26
N ARG F 26 16.29 35.08 14.67
CA ARG F 26 16.73 34.38 15.88
C ARG F 26 16.51 32.86 15.80
N ASP F 27 17.35 32.10 16.50
CA ASP F 27 17.21 30.66 16.67
C ASP F 27 16.56 30.61 18.05
N VAL F 28 15.27 30.24 18.12
CA VAL F 28 14.55 30.25 19.41
C VAL F 28 14.53 28.83 20.06
N GLY F 29 15.26 27.88 19.47
CA GLY F 29 15.35 26.51 19.95
C GLY F 29 14.15 25.67 19.59
N ALA F 30 14.15 24.37 20.03
CA ALA F 30 13.10 23.36 19.81
C ALA F 30 12.69 23.22 18.30
N GLY F 31 13.69 23.39 17.43
CA GLY F 31 13.57 23.30 15.98
C GLY F 31 12.86 24.46 15.33
N LYS F 32 12.63 25.55 16.11
CA LYS F 32 11.92 26.76 15.68
C LYS F 32 12.85 27.98 15.53
N TYR F 33 12.48 28.89 14.66
CA TYR F 33 13.22 30.11 14.34
C TYR F 33 12.29 31.31 14.33
N LYS F 34 12.81 32.49 14.72
CA LYS F 34 12.02 33.71 14.66
C LYS F 34 12.19 34.25 13.27
N LEU F 35 11.06 34.61 12.65
CA LEU F 35 11.03 35.12 11.30
C LEU F 35 10.52 36.51 11.22
N LEU F 36 11.21 37.35 10.46
CA LEU F 36 10.72 38.69 10.18
C LEU F 36 10.33 38.63 8.73
N PHE F 37 9.02 38.65 8.45
CA PHE F 37 8.50 38.60 7.10
C PHE F 37 8.62 39.95 6.43
N ASP F 38 8.71 39.96 5.09
CA ASP F 38 8.87 41.18 4.31
C ASP F 38 7.70 42.17 4.45
N ASP F 39 6.52 41.70 4.95
CA ASP F 39 5.36 42.57 5.22
C ASP F 39 5.40 43.15 6.65
N GLY F 40 6.44 42.79 7.41
CA GLY F 40 6.64 43.26 8.78
C GLY F 40 6.11 42.36 9.86
N TYR F 41 5.43 41.26 9.48
CA TYR F 41 4.88 40.32 10.46
C TYR F 41 5.97 39.44 10.97
N GLU F 42 5.83 39.05 12.22
CA GLU F 42 6.79 38.21 12.91
C GLU F 42 6.08 37.06 13.57
N CYS F 43 6.72 35.89 13.56
CA CYS F 43 6.26 34.69 14.24
C CYS F 43 7.39 33.64 14.28
N ASP F 44 7.18 32.59 15.09
CA ASP F 44 8.09 31.47 15.21
C ASP F 44 7.65 30.43 14.18
N VAL F 45 8.60 29.94 13.37
CA VAL F 45 8.33 28.94 12.32
C VAL F 45 9.27 27.75 12.55
N LEU F 46 8.76 26.52 12.31
CA LEU F 46 9.56 25.29 12.39
C LEU F 46 10.48 25.21 11.18
N GLY F 47 11.69 24.67 11.40
CA GLY F 47 12.70 24.49 10.36
C GLY F 47 12.22 23.77 9.12
N LYS F 48 11.31 22.78 9.30
CA LYS F 48 10.72 21.99 8.21
C LYS F 48 9.86 22.87 7.27
N ASP F 49 9.35 24.00 7.79
CA ASP F 49 8.50 24.95 7.08
C ASP F 49 9.26 26.19 6.60
N ILE F 50 10.60 26.10 6.54
CA ILE F 50 11.47 27.19 6.07
C ILE F 50 12.26 26.71 4.87
N LEU F 51 12.14 27.40 3.74
CA LEU F 51 12.88 27.07 2.52
C LEU F 51 14.00 28.07 2.42
N LEU F 52 15.22 27.57 2.28
CA LEU F 52 16.44 28.37 2.17
C LEU F 52 16.68 28.77 0.71
N CYS F 53 15.85 29.66 0.15
CA CYS F 53 16.04 30.16 -1.24
C CYS F 53 15.57 31.66 -1.39
N ASP F 54 16.52 32.59 -1.57
CA ASP F 54 16.29 34.00 -1.79
C ASP F 54 17.20 34.44 -2.91
N PRO F 55 16.64 34.87 -4.08
CA PRO F 55 15.21 34.99 -4.41
C PRO F 55 14.58 33.63 -4.71
N ILE F 56 13.25 33.58 -4.96
CA ILE F 56 12.61 32.32 -5.33
C ILE F 56 13.33 31.87 -6.61
N PRO F 57 13.88 30.63 -6.69
CA PRO F 57 14.71 30.28 -7.86
C PRO F 57 13.97 30.30 -9.19
N LEU F 58 14.72 30.47 -10.28
CA LEU F 58 14.18 30.41 -11.63
C LEU F 58 13.57 28.99 -11.84
N ASP F 59 12.47 28.93 -12.62
CA ASP F 59 11.69 27.75 -12.98
C ASP F 59 10.82 27.25 -11.81
N THR F 60 10.67 28.03 -10.71
CA THR F 60 9.78 27.59 -9.62
C THR F 60 8.37 28.00 -9.98
N GLU F 61 7.41 27.10 -9.80
CA GLU F 61 5.97 27.41 -9.96
C GLU F 61 5.57 28.16 -8.71
N VAL F 62 5.05 29.38 -8.90
CA VAL F 62 4.66 30.32 -7.84
C VAL F 62 3.21 30.78 -8.01
N THR F 63 2.72 31.57 -7.04
CA THR F 63 1.42 32.20 -7.08
C THR F 63 1.66 33.68 -7.23
N ALA F 64 1.16 34.25 -8.34
CA ALA F 64 1.32 35.66 -8.72
C ALA F 64 0.08 36.41 -8.28
N LEU F 65 0.27 37.48 -7.56
CA LEU F 65 -0.83 38.27 -7.03
C LEU F 65 -1.06 39.49 -7.91
N SER F 66 -2.29 39.64 -8.41
CA SER F 66 -2.65 40.74 -9.27
C SER F 66 -3.55 41.70 -8.49
N GLU F 67 -4.13 42.67 -9.21
CA GLU F 67 -5.04 43.67 -8.68
C GLU F 67 -6.41 43.04 -8.46
N ASP F 68 -7.20 43.62 -7.56
CA ASP F 68 -8.58 43.23 -7.18
C ASP F 68 -8.66 41.79 -6.67
N GLU F 69 -7.63 41.39 -5.86
CA GLU F 69 -7.47 40.11 -5.13
C GLU F 69 -7.33 38.87 -6.05
N TYR F 70 -7.20 39.05 -7.38
CA TYR F 70 -6.99 37.96 -8.34
C TYR F 70 -5.58 37.39 -8.12
N PHE F 71 -5.47 36.06 -8.19
CA PHE F 71 -4.23 35.31 -8.06
C PHE F 71 -4.26 34.11 -9.00
N SER F 72 -3.08 33.68 -9.48
CA SER F 72 -2.93 32.59 -10.43
C SER F 72 -1.53 32.02 -10.34
N ALA F 73 -1.37 30.81 -10.86
CA ALA F 73 -0.12 30.09 -10.90
C ALA F 73 0.67 30.51 -12.13
N GLY F 74 1.99 30.56 -11.97
CA GLY F 74 2.92 30.90 -13.03
C GLY F 74 4.31 30.40 -12.70
N VAL F 75 5.26 30.54 -13.62
CA VAL F 75 6.63 30.06 -13.42
C VAL F 75 7.61 31.24 -13.48
N VAL F 76 8.53 31.35 -12.48
CA VAL F 76 9.59 32.37 -12.43
C VAL F 76 10.58 32.11 -13.61
N LYS F 77 10.71 33.07 -14.51
CA LYS F 77 11.66 32.93 -15.65
C LYS F 77 12.69 34.06 -15.62
N GLY F 78 12.61 34.95 -14.62
CA GLY F 78 13.52 36.08 -14.48
C GLY F 78 13.53 36.76 -13.13
N HIS F 79 14.65 37.45 -12.81
CA HIS F 79 14.87 38.23 -11.58
C HIS F 79 15.39 39.57 -12.00
N ARG F 80 14.88 40.69 -11.44
CA ARG F 80 15.37 42.03 -11.80
C ARG F 80 15.43 42.91 -10.56
N LYS F 81 16.55 43.60 -10.40
CA LYS F 81 16.73 44.56 -9.32
C LYS F 81 16.59 45.94 -9.96
N GLU F 82 15.71 46.77 -9.40
CA GLU F 82 15.47 48.14 -9.85
C GLU F 82 15.15 49.00 -8.66
N SER F 83 15.91 50.11 -8.49
CA SER F 83 15.82 51.10 -7.40
C SER F 83 15.89 50.40 -6.02
N GLY F 84 16.71 49.35 -5.94
CA GLY F 84 16.89 48.53 -4.75
C GLY F 84 15.78 47.54 -4.45
N GLU F 85 14.81 47.37 -5.40
CA GLU F 85 13.68 46.44 -5.23
C GLU F 85 13.77 45.24 -6.16
N LEU F 86 13.25 44.10 -5.72
CA LEU F 86 13.26 42.87 -6.52
C LEU F 86 11.94 42.69 -7.28
N TYR F 87 12.05 42.25 -8.53
CA TYR F 87 10.93 41.96 -9.41
C TYR F 87 11.13 40.56 -10.00
N TYR F 88 10.02 39.86 -10.21
CA TYR F 88 10.00 38.54 -10.81
C TYR F 88 9.29 38.58 -12.16
N SER F 89 9.90 37.98 -13.23
CA SER F 89 9.23 37.90 -14.52
C SER F 89 8.58 36.52 -14.42
N ILE F 90 7.23 36.46 -14.48
CA ILE F 90 6.45 35.23 -14.30
C ILE F 90 5.78 34.85 -15.62
N GLU F 91 6.05 33.61 -16.08
CA GLU F 91 5.47 33.11 -17.31
C GLU F 91 4.16 32.36 -17.08
N LYS F 92 3.13 32.74 -17.84
CA LYS F 92 1.81 32.11 -17.82
C LYS F 92 1.27 32.08 -19.24
N GLU F 93 1.04 30.85 -19.76
CA GLU F 93 0.54 30.56 -21.10
C GLU F 93 1.40 31.26 -22.15
N GLY F 94 2.70 30.98 -22.10
CA GLY F 94 3.70 31.51 -23.02
C GLY F 94 4.00 33.00 -23.01
N GLN F 95 3.44 33.75 -22.03
CA GLN F 95 3.69 35.20 -21.91
C GLN F 95 4.26 35.50 -20.53
N ARG F 96 5.14 36.52 -20.44
CA ARG F 96 5.76 36.93 -19.17
C ARG F 96 5.30 38.32 -18.71
N LYS F 97 5.05 38.47 -17.41
CA LYS F 97 4.66 39.72 -16.74
C LYS F 97 5.56 39.92 -15.54
N TRP F 98 5.85 41.18 -15.19
CA TRP F 98 6.65 41.51 -14.02
C TRP F 98 5.78 41.64 -12.79
N TYR F 99 6.25 41.09 -11.68
CA TYR F 99 5.58 41.18 -10.38
C TYR F 99 6.59 41.59 -9.32
N LYS F 100 6.16 42.48 -8.41
CA LYS F 100 6.98 42.93 -7.29
C LYS F 100 7.17 41.75 -6.34
N ARG F 101 8.19 41.81 -5.46
CA ARG F 101 8.49 40.78 -4.45
C ARG F 101 7.25 40.50 -3.59
N MET F 102 6.52 41.56 -3.25
CA MET F 102 5.34 41.49 -2.40
C MET F 102 4.09 40.95 -3.13
N ALA F 103 4.19 40.60 -4.43
CA ALA F 103 3.09 40.05 -5.25
C ALA F 103 3.42 38.59 -5.72
N VAL F 104 4.38 37.96 -5.07
CA VAL F 104 4.81 36.59 -5.40
C VAL F 104 4.95 35.81 -4.13
N ILE F 105 4.18 34.70 -4.05
CA ILE F 105 4.18 33.78 -2.90
C ILE F 105 4.16 32.34 -3.41
N LEU F 106 4.20 31.38 -2.51
CA LEU F 106 4.03 29.96 -2.81
C LEU F 106 2.84 29.41 -2.01
N SER F 107 1.95 28.67 -2.69
CA SER F 107 0.85 27.89 -2.12
C SER F 107 1.47 26.67 -1.38
N LEU F 108 0.75 26.12 -0.37
CA LEU F 108 1.24 24.97 0.38
C LEU F 108 1.87 23.91 -0.56
N GLU F 109 1.18 23.54 -1.65
CA GLU F 109 1.62 22.57 -2.66
C GLU F 109 2.92 23.00 -3.36
N GLN F 110 3.03 24.29 -3.74
CA GLN F 110 4.20 24.84 -4.43
C GLN F 110 5.44 24.86 -3.52
N GLY F 111 5.26 25.20 -2.25
CA GLY F 111 6.32 25.21 -1.24
C GLY F 111 6.77 23.81 -0.87
N ASN F 112 5.82 22.85 -0.80
CA ASN F 112 6.06 21.44 -0.52
C ASN F 112 7.00 20.83 -1.56
N ARG F 113 6.87 21.26 -2.82
CA ARG F 113 7.69 20.84 -3.96
C ARG F 113 9.18 21.20 -3.79
N LEU F 114 9.49 22.24 -3.00
CA LEU F 114 10.85 22.72 -2.75
C LEU F 114 11.43 22.22 -1.44
N ARG F 115 10.65 21.60 -0.55
CA ARG F 115 11.10 21.10 0.78
C ARG F 115 12.32 20.19 0.70
N GLU F 116 12.30 19.18 -0.19
CA GLU F 116 13.37 18.23 -0.37
C GLU F 116 14.69 18.92 -0.75
N GLN F 117 14.65 19.88 -1.69
CA GLN F 117 15.86 20.55 -2.15
C GLN F 117 16.28 21.73 -1.27
N TYR F 118 15.33 22.48 -0.72
CA TYR F 118 15.63 23.75 -0.02
C TYR F 118 15.22 23.86 1.46
N GLY F 119 14.45 22.91 1.96
CA GLY F 119 13.96 22.91 3.34
C GLY F 119 15.07 22.92 4.36
N LEU F 120 14.89 23.73 5.42
CA LEU F 120 15.89 23.92 6.47
C LEU F 120 16.11 22.63 7.29
N GLY F 121 15.03 22.01 7.80
CA GLY F 121 15.14 20.80 8.61
C GLY F 121 15.32 19.52 7.81
N PRO F 122 15.48 18.33 8.48
CA PRO F 122 15.59 17.08 7.71
C PRO F 122 14.27 16.72 6.99
N TYR F 123 14.34 15.87 5.94
CA TYR F 123 13.20 15.47 5.09
C TYR F 123 12.86 13.97 5.26
C4 A1AY8 G . -3.50 -43.99 -1.86
C5 A1AY8 G . -5.59 -42.36 -0.70
C6 A1AY8 G . -4.72 -41.88 -1.86
C8 A1AY8 G . -2.21 -41.84 -2.02
C10 A1AY8 G . 0.17 -41.82 -2.29
C13 A1AY8 G . -0.99 -38.41 -2.97
C15 A1AY8 G . -0.48 -38.85 -5.40
C17 A1AY8 G . -1.41 -37.02 -6.85
C20 A1AY8 G . -1.28 -34.69 -5.98
C22 A1AY8 G . -2.53 -32.76 -6.90
C24 A1AY8 G . -1.53 -31.09 -8.37
C26 A1AY8 G . 0.19 -29.51 -9.28
C28 A1AY8 G . -0.10 -31.62 -10.38
C1 A1AY8 G . -6.52 -44.34 0.44
N2 A1AY8 G . -5.69 -43.86 -0.71
C3 A1AY8 G . -4.34 -44.49 -0.70
N7 A1AY8 G . -3.41 -42.53 -1.81
C9 A1AY8 G . -0.99 -42.53 -2.00
N11 A1AY8 G . 0.19 -40.52 -2.61
C12 A1AY8 G . -0.99 -39.87 -2.63
N14 A1AY8 G . -0.66 -38.00 -4.23
C16 A1AY8 G . -1.49 -38.50 -6.49
C18 A1AY8 G . -0.48 -36.57 -4.54
C19 A1AY8 G . -1.49 -36.13 -5.60
N21 A1AY8 G . -2.42 -34.04 -6.34
C23 A1AY8 G . -1.59 -32.39 -7.86
C25 A1AY8 G . -0.48 -30.73 -9.38
C27 A1AY8 G . 1.22 -29.21 -10.17
C29 A1AY8 G . 0.92 -31.32 -11.26
C30 A1AY8 G . 1.59 -30.11 -11.16
C31 A1AY8 G . 2.75 -29.55 -11.92
N32 A1AY8 G . 2.97 -28.28 -11.25
C33 A1AY8 G . 2.13 -28.05 -10.22
O34 A1AY8 G . 2.19 -27.12 -9.43
C35 A1AY8 G . -2.47 -30.17 -7.90
C36 A1AY8 G . -3.42 -30.53 -6.95
C37 A1AY8 G . -3.45 -31.82 -6.45
O38 A1AY8 G . -0.19 -34.16 -5.90
O39 A1AY8 G . -1.29 -37.62 -2.09
C40 A1AY8 G . -2.20 -40.49 -2.33
C4 A1AY8 H . -0.49 -27.75 -3.52
C5 A1AY8 H . 1.18 -29.14 -5.41
C6 A1AY8 H . -0.12 -29.72 -4.89
C8 A1AY8 H . -0.84 -30.02 -2.47
C10 A1AY8 H . -1.73 -30.23 -0.26
C13 A1AY8 H . -2.24 -33.49 -1.85
C15 A1AY8 H . -4.68 -32.95 -1.87
C17 A1AY8 H . -5.98 -34.67 -3.13
C20 A1AY8 H . -5.25 -37.05 -2.97
C22 A1AY8 H . -5.96 -38.91 -4.43
C24 A1AY8 H . -7.75 -40.49 -3.91
C26 A1AY8 H . -9.18 -42.06 -2.60
C28 A1AY8 H . -10.04 -39.86 -3.05
C1 A1AY8 H . 2.43 -27.08 -5.86
N2 A1AY8 H . 1.15 -27.65 -5.39
C3 A1AY8 H . 0.82 -27.15 -4.02
N7 A1AY8 H . -0.39 -29.22 -3.54
C9 A1AY8 H . -1.08 -29.47 -1.21
N11 A1AY8 H . -2.13 -31.49 -0.44
C12 A1AY8 H . -1.87 -32.04 -1.65
N14 A1AY8 H . -3.54 -33.87 -1.83
C16 A1AY8 H . -5.53 -33.21 -3.11
C18 A1AY8 H . -3.94 -35.27 -1.78
C19 A1AY8 H . -4.77 -35.63 -3.01
N21 A1AY8 H . -5.41 -37.63 -4.18
C23 A1AY8 H . -7.17 -39.22 -3.80
C25 A1AY8 H . -9.03 -40.82 -3.22
C27 A1AY8 H . -10.29 -42.30 -1.79
C29 A1AY8 H . -11.17 -40.11 -2.25
C30 A1AY8 H . -11.29 -41.35 -1.62
C31 A1AY8 H . -12.32 -41.88 -0.68
N32 A1AY8 H . -11.78 -43.20 -0.35
C33 A1AY8 H . -10.60 -43.46 -0.95
O34 A1AY8 H . -9.89 -44.43 -0.72
C35 A1AY8 H . -7.07 -41.44 -4.69
C36 A1AY8 H . -5.87 -41.13 -5.33
C37 A1AY8 H . -5.32 -39.87 -5.20
O38 A1AY8 H . -5.49 -37.62 -1.91
O39 A1AY8 H . -1.34 -34.28 -2.02
C40 A1AY8 H . -1.24 -31.34 -2.68
C4 A1AY8 I . 3.61 -7.73 0.68
C5 A1AY8 I . 2.13 -5.70 2.07
C6 A1AY8 I . 3.15 -5.38 0.97
C8 A1AY8 I . 5.54 -6.15 0.74
C10 A1AY8 I . 7.81 -6.87 0.42
C13 A1AY8 I . 7.92 -3.22 0.64
C15 A1AY8 I . 8.47 -3.18 -1.82
C17 A1AY8 I . 8.45 -0.83 -2.67
C20 A1AY8 I . 9.28 0.96 -1.18
C22 A1AY8 I . 8.98 3.40 -1.45
C24 A1AY8 I . 10.64 4.93 -2.38
C26 A1AY8 I . 12.92 5.93 -2.80
C28 A1AY8 I . 11.97 4.50 -4.49
C1 A1AY8 I . 0.61 -7.39 2.99
N2 A1AY8 I . 1.54 -7.06 1.89
C3 A1AY8 I . 2.62 -8.09 1.78
N7 A1AY8 I . 4.19 -6.41 0.96
C9 A1AY8 I . 6.47 -7.18 0.59
N11 A1AY8 I . 8.28 -5.61 0.40
C12 A1AY8 I . 7.39 -4.63 0.55
N14 A1AY8 I . 8.50 -2.65 -0.44
C16 A1AY8 I . 7.79 -2.20 -2.73
C18 A1AY8 I . 9.22 -1.38 -0.37
C19 A1AY8 I . 8.52 -0.33 -1.23
N21 A1AY8 I . 8.52 2.07 -1.30
C23 A1AY8 I . 10.08 3.65 -2.28
C25 A1AY8 I . 11.84 5.15 -3.25
C27 A1AY8 I . 14.09 6.03 -3.57
C29 A1AY8 I . 13.13 4.62 -5.24
C30 A1AY8 I . 14.19 5.39 -4.78
C31 A1AY8 I . 15.57 5.62 -5.35
N32 A1AY8 I . 16.19 6.42 -4.31
C33 A1AY8 I . 15.38 6.68 -3.26
O34 A1AY8 I . 15.71 7.24 -2.23
C35 A1AY8 I . 10.08 5.96 -1.63
C36 A1AY8 I . 9.00 5.72 -0.80
C37 A1AY8 I . 8.45 4.45 -0.70
O38 A1AY8 I . 10.49 0.98 -1.01
O39 A1AY8 I . 7.84 -2.64 1.70
C40 A1AY8 I . 6.02 -4.83 0.72
C4 A1AY8 J . 12.66 5.93 3.19
C5 A1AY8 J . 13.37 4.71 0.69
C6 A1AY8 J . 11.95 4.66 1.25
C8 A1AY8 J . 10.99 4.14 3.51
C10 A1AY8 J . 9.87 3.89 5.60
C13 A1AY8 J . 8.36 1.43 3.36
C15 A1AY8 J . 6.31 2.88 3.32
C17 A1AY8 J . 4.68 2.04 1.63
C20 A1AY8 J . 4.51 -0.41 1.22
C22 A1AY8 J . 3.29 -1.51 -0.65
C24 A1AY8 J . 1.06 -2.46 -0.50
C26 A1AY8 J . -0.92 -3.70 0.45
C28 A1AY8 J . -0.96 -1.30 0.49
C1 A1AY8 J . 15.48 5.98 0.68
N2 A1AY8 J . 14.09 5.91 1.20
C3 A1AY8 J . 14.08 5.95 2.68
N7 A1AY8 J . 11.99 4.72 2.71
C9 A1AY8 J . 10.84 4.51 4.84
N11 A1AY8 J . 9.06 2.94 5.14
C12 A1AY8 J . 9.22 2.57 3.86
N14 A1AY8 J . 7.03 1.60 3.21
C16 A1AY8 J . 5.57 3.20 2.04
C18 A1AY8 J . 6.16 0.48 2.87
C19 A1AY8 J . 5.46 0.71 1.52
N21 A1AY8 J . 4.25 -0.62 -0.10
C23 A1AY8 J . 2.02 -1.55 -0.08
C25 A1AY8 J . -0.31 -2.49 0.12
C27 A1AY8 J . -2.13 -3.71 1.15
C29 A1AY8 J . -2.17 -1.33 1.17
C30 A1AY8 J . -2.76 -2.53 1.51
C31 A1AY8 J . -3.98 -2.85 2.31
N32 A1AY8 J . -3.93 -4.30 2.37
C33 A1AY8 J . -2.89 -4.84 1.72
O34 A1AY8 J . -2.58 -6.04 1.74
C35 A1AY8 J . 1.41 -3.35 -1.52
C36 A1AY8 J . 2.68 -3.32 -2.09
C37 A1AY8 J . 3.62 -2.40 -1.66
O38 A1AY8 J . 3.96 -1.04 2.10
O39 A1AY8 J . 8.92 0.36 3.12
C40 A1AY8 J . 10.16 3.15 3.00
C4 A1AY8 K . 0.53 38.25 7.65
C5 A1AY8 K . 1.44 37.03 5.20
C6 A1AY8 K . 0.15 37.82 5.27
C8 A1AY8 K . -1.77 37.99 6.80
C10 A1AY8 K . -3.67 38.27 8.26
C13 A1AY8 K . -4.99 36.97 5.09
C15 A1AY8 K . -6.08 39.20 4.76
C17 A1AY8 K . -7.14 39.38 2.49
C20 A1AY8 K . -8.06 37.32 1.45
C22 A1AY8 K . -8.74 37.00 -0.92
C24 A1AY8 K . -11.04 37.05 -1.70
C26 A1AY8 K . -13.52 36.66 -1.72
C28 A1AY8 K . -12.72 38.83 -1.07
C1 A1AY8 K . 3.70 36.79 6.14
N2 A1AY8 K . 2.41 37.52 6.21
C3 A1AY8 K . 1.82 37.44 7.59
N7 A1AY8 K . -0.41 37.79 6.63
C9 A1AY8 K . -2.29 38.35 8.05
N11 A1AY8 K . -4.55 37.89 7.32
C12 A1AY8 K . -4.05 37.56 6.12
N14 A1AY8 K . -5.94 37.76 4.54
C16 A1AY8 K . -6.09 39.95 3.44
C18 A1AY8 K . -6.96 37.19 3.68
C19 A1AY8 K . -6.94 37.86 2.30
N21 A1AY8 K . -7.84 37.36 0.12
C23 A1AY8 K . -10.05 37.45 -0.80
C25 A1AY8 K . -12.45 37.53 -1.52
C27 A1AY8 K . -14.82 37.09 -1.44
C29 A1AY8 K . -14.01 39.26 -0.79
C30 A1AY8 K . -15.06 38.38 -0.98
C31 A1AY8 K . -16.53 38.53 -0.67
N32 A1AY8 K . -17.04 37.21 -1.02
C33 A1AY8 K . -16.10 36.35 -1.45
O34 A1AY8 K . -16.29 35.16 -1.71
C35 A1AY8 K . -10.69 36.18 -2.74
C36 A1AY8 K . -9.37 35.73 -2.86
C37 A1AY8 K . -8.40 36.14 -1.96
O38 A1AY8 K . -9.09 36.86 1.96
O39 A1AY8 K . -4.86 35.79 4.80
C40 A1AY8 K . -2.69 37.60 5.81
C4 A1AY8 L . -11.28 31.12 -1.94
C5 A1AY8 L . -12.03 33.19 -0.08
C6 A1AY8 L . -10.79 33.31 -0.94
C8 A1AY8 L . -8.91 31.79 -1.49
C10 A1AY8 L . -7.07 30.27 -1.80
C13 A1AY8 L . -5.75 33.18 0.00
C15 A1AY8 L . -4.37 33.70 -2.02
C17 A1AY8 L . -3.22 35.90 -1.71
C20 A1AY8 L . -2.39 36.49 0.59
C22 A1AY8 L . -1.64 38.71 1.44
C24 A1AY8 L . 0.69 39.36 1.74
C26 A1AY8 L . 3.13 39.17 2.34
C28 A1AY8 L . 2.49 38.94 0.03
C1 A1AY8 L . -14.34 32.33 0.01
N2 A1AY8 L . -13.07 32.39 -0.77
C3 A1AY8 L . -12.55 31.02 -1.08
N7 A1AY8 L . -10.29 31.98 -1.30
C9 A1AY8 L . -8.41 30.57 -1.96
N11 A1AY8 L . -6.19 31.11 -1.23
C12 A1AY8 L . -6.66 32.29 -0.80
N14 A1AY8 L . -4.66 33.71 -0.58
C16 A1AY8 L . -4.25 35.12 -2.53
C18 A1AY8 L . -3.61 34.37 0.21
C19 A1AY8 L . -3.50 35.84 -0.19
N21 A1AY8 L . -2.56 37.82 0.82
C23 A1AY8 L . -0.29 38.60 1.09
C25 A1AY8 L . 2.13 39.18 1.37
C27 A1AY8 L . 4.46 38.90 1.97
C29 A1AY8 L . 3.80 38.68 -0.33
C30 A1AY8 L . 4.79 38.66 0.65
C31 A1AY8 L . 6.26 38.35 0.55
N32 A1AY8 L . 6.66 38.41 1.95
C33 A1AY8 L . 5.66 38.72 2.80
O34 A1AY8 L . 5.75 38.75 4.03
C35 A1AY8 L . 0.29 40.23 2.75
C36 A1AY8 L . -1.04 40.34 3.10
C37 A1AY8 L . -2.01 39.59 2.45
O38 A1AY8 L . -1.41 35.83 0.98
O39 A1AY8 L . -6.05 33.43 1.16
C40 A1AY8 L . -7.99 32.67 -0.93
UNK UNX M . 17.04 19.73 3.57
UNK UNX N . 17.17 15.01 -1.90
#